data_6UQR
#
_entry.id   6UQR
#
_cell.length_a   74.960
_cell.length_b   103.180
_cell.length_c   124.610
_cell.angle_alpha   90.000
_cell.angle_beta   90.000
_cell.angle_gamma   90.000
#
_symmetry.space_group_name_H-M   'P 21 21 21'
#
loop_
_entity.id
_entity.type
_entity.pdbx_description
1 polymer Ligelizumab
2 polymer IgE
3 branched alpha-D-mannopyranose-(1-3)-[alpha-D-mannopyranose-(1-6)]beta-D-mannopyranose-(1-4)-2-acetamido-2-deoxy-beta-D-glucopyranose-(1-4)-2-acetamido-2-deoxy-beta-D-glucopyranose
4 branched alpha-D-mannopyranose-(1-3)-beta-D-mannopyranose-(1-4)-2-acetamido-2-deoxy-beta-D-glucopyranose-(1-4)-2-acetamido-2-deoxy-beta-D-glucopyranose
#
loop_
_entity_poly.entity_id
_entity_poly.type
_entity_poly.pdbx_seq_one_letter_code
_entity_poly.pdbx_strand_id
1 'polypeptide(L)'
;QVQLVQSGAEVMKPGSSVKVSCKASGYTFSWYWLEWVRQAPGHGLEWMGEIDPGTFTTNYNEKFKARVTFTADTSTSTAY
MELSSLRSEDTAVYYCARFSHFSGSNYDYFDYWGQGTLVTVSSGTGGSGGGGSGGGGSGGGASEIVMTQSPATLSVSPGE
RATLSCRASQSIGTNIHWYQQKPGQAPRLLIYYASESISGIPARFSGSGSGTEFTLTISSLQSEDFAVYYCQQSWSWPTT
FGGGTKVEIKENLYFQGGSGHHHHHHHH
;
A,C
2 'polypeptide(L)'
;APMAEGGGQNHHHHHHHHGGENLYFQGGSCADSNPRGVSAYLSRPSPFDLFIRKSPTITCLVVDLAPSKGTVNLTWSRAS
GKPVNHSTRKEEKQRNGTLTVTSTLPVGTRDWIEGETYQCRVTHPHLPRALMRSTTKTSGPRAAPEVYAFATPEWPGSRD
KRTLACLIQNFMPEDISVQWLHNEVQLPDARHSTTQPRKTKGSGFFVFSRLEVTRAEWEQKDEFICRAVHEAASPSQTVQ
RAVSVNP
;
B,D
#
# COMPACT_ATOMS: atom_id res chain seq x y z
N GLN A 1 -21.16 -21.38 10.53
CA GLN A 1 -21.31 -22.81 10.26
C GLN A 1 -20.17 -23.63 10.84
N VAL A 2 -19.38 -23.00 11.69
CA VAL A 2 -18.29 -23.64 12.43
C VAL A 2 -18.71 -23.66 13.89
N GLN A 3 -19.10 -24.83 14.39
CA GLN A 3 -19.41 -25.00 15.80
C GLN A 3 -18.46 -26.02 16.39
N LEU A 4 -18.04 -25.77 17.62
CA LEU A 4 -17.26 -26.73 18.36
C LEU A 4 -17.85 -26.86 19.76
N VAL A 5 -18.16 -28.08 20.17
CA VAL A 5 -18.94 -28.34 21.38
C VAL A 5 -18.03 -28.89 22.47
N GLN A 6 -18.03 -28.22 23.62
CA GLN A 6 -17.39 -28.73 24.82
C GLN A 6 -18.38 -29.59 25.61
N SER A 7 -17.88 -30.19 26.70
CA SER A 7 -18.63 -31.20 27.44
C SER A 7 -19.68 -30.59 28.37
N GLY A 8 -20.72 -31.37 28.63
CA GLY A 8 -21.71 -30.95 29.62
C GLY A 8 -21.05 -30.85 30.99
N ALA A 9 -21.50 -29.87 31.79
CA ALA A 9 -20.93 -29.69 33.12
C ALA A 9 -20.92 -31.01 33.87
N GLU A 10 -19.86 -31.24 34.64
CA GLU A 10 -19.69 -32.53 35.30
C GLU A 10 -19.43 -32.30 36.78
N VAL A 11 -20.11 -33.08 37.62
CA VAL A 11 -19.94 -33.01 39.06
C VAL A 11 -18.64 -33.73 39.42
N MET A 12 -17.89 -33.14 40.35
CA MET A 12 -16.61 -33.69 40.78
C MET A 12 -16.44 -33.43 42.27
N LYS A 13 -15.52 -34.15 42.87
CA LYS A 13 -15.19 -34.02 44.28
C LYS A 13 -13.68 -33.82 44.41
N PRO A 14 -13.21 -33.22 45.50
CA PRO A 14 -11.78 -32.90 45.60
C PRO A 14 -10.92 -34.14 45.45
N GLY A 15 -9.90 -34.03 44.61
CA GLY A 15 -8.98 -35.12 44.40
C GLY A 15 -9.42 -36.12 43.36
N SER A 16 -10.38 -35.77 42.52
CA SER A 16 -10.94 -36.68 41.53
C SER A 16 -10.57 -36.23 40.13
N SER A 17 -10.39 -37.20 39.25
CA SER A 17 -10.08 -36.90 37.86
C SER A 17 -11.29 -36.25 37.19
N VAL A 18 -11.01 -35.29 36.33
CA VAL A 18 -12.02 -34.61 35.55
C VAL A 18 -11.59 -34.65 34.09
N LYS A 19 -12.56 -34.86 33.19
CA LYS A 19 -12.30 -34.87 31.76
C LYS A 19 -13.26 -33.92 31.06
N VAL A 20 -12.73 -33.15 30.11
CA VAL A 20 -13.55 -32.24 29.32
C VAL A 20 -13.26 -32.54 27.86
N SER A 21 -14.32 -32.68 27.07
CA SER A 21 -14.21 -33.06 25.67
C SER A 21 -14.61 -31.89 24.80
N CYS A 22 -13.74 -31.52 23.86
CA CYS A 22 -14.05 -30.50 22.88
C CYS A 22 -14.14 -31.13 21.50
N LYS A 23 -15.30 -31.05 20.87
CA LYS A 23 -15.54 -31.58 19.54
C LYS A 23 -15.60 -30.43 18.55
N ALA A 24 -15.02 -30.62 17.36
CA ALA A 24 -14.93 -29.57 16.35
C ALA A 24 -15.74 -29.95 15.12
N SER A 25 -16.62 -29.05 14.69
CA SER A 25 -17.45 -29.26 13.52
C SER A 25 -17.46 -28.02 12.64
N GLY A 26 -17.46 -28.23 11.33
CA GLY A 26 -17.53 -27.14 10.38
C GLY A 26 -16.21 -26.69 9.82
N TYR A 27 -15.10 -27.26 10.27
CA TYR A 27 -13.78 -26.95 9.73
C TYR A 27 -12.89 -28.15 9.95
N THR A 28 -11.84 -28.24 9.14
CA THR A 28 -10.92 -29.37 9.24
C THR A 28 -10.22 -29.36 10.60
N PHE A 29 -10.50 -30.39 11.40
CA PHE A 29 -10.02 -30.45 12.78
C PHE A 29 -8.51 -30.48 12.87
N SER A 30 -7.85 -31.02 11.85
CA SER A 30 -6.40 -31.25 11.93
C SER A 30 -5.60 -29.96 11.87
N TRP A 31 -6.08 -28.96 11.13
CA TRP A 31 -5.21 -27.85 10.74
C TRP A 31 -5.08 -26.75 11.78
N TYR A 32 -6.11 -26.51 12.59
CA TYR A 32 -6.10 -25.38 13.52
C TYR A 32 -5.67 -25.84 14.91
N TRP A 33 -4.81 -25.04 15.53
CA TRP A 33 -4.43 -25.27 16.92
C TRP A 33 -5.62 -25.06 17.84
N LEU A 34 -5.82 -25.98 18.77
CA LEU A 34 -6.83 -25.81 19.79
C LEU A 34 -6.21 -25.26 21.06
N GLU A 35 -7.03 -24.59 21.87
CA GLU A 35 -6.54 -23.93 23.07
C GLU A 35 -7.54 -24.10 24.21
N TRP A 36 -7.02 -24.04 25.43
CA TRP A 36 -7.82 -24.18 26.64
C TRP A 36 -7.56 -22.99 27.55
N VAL A 37 -8.65 -22.34 27.98
CA VAL A 37 -8.61 -21.17 28.85
C VAL A 37 -9.50 -21.44 30.05
N ARG A 38 -9.10 -20.90 31.20
CA ARG A 38 -9.80 -21.09 32.46
C ARG A 38 -10.28 -19.75 33.00
N GLN A 39 -11.57 -19.65 33.31
CA GLN A 39 -12.13 -18.48 33.98
C GLN A 39 -12.60 -18.90 35.37
N ALA A 40 -11.95 -18.34 36.40
CA ALA A 40 -12.14 -18.59 37.83
C ALA A 40 -12.75 -17.39 38.53
N PRO A 41 -13.69 -17.60 39.45
CA PRO A 41 -14.22 -16.47 40.23
C PRO A 41 -13.11 -15.77 41.00
N GLY A 42 -12.94 -14.48 40.73
CA GLY A 42 -11.86 -13.73 41.32
C GLY A 42 -10.61 -13.68 40.48
N HIS A 43 -10.59 -14.37 39.34
CA HIS A 43 -9.46 -14.39 38.42
C HIS A 43 -9.98 -14.13 37.01
N GLY A 44 -9.32 -13.24 36.29
CA GLY A 44 -9.66 -13.09 34.88
C GLY A 44 -9.35 -14.38 34.14
N LEU A 45 -10.10 -14.65 33.07
CA LEU A 45 -9.81 -15.87 32.33
C LEU A 45 -8.36 -15.82 31.85
N GLU A 46 -7.61 -16.88 32.12
CA GLU A 46 -6.19 -16.90 31.83
C GLU A 46 -5.80 -18.18 31.11
N TRP A 47 -4.72 -18.07 30.37
CA TRP A 47 -4.23 -19.15 29.51
C TRP A 47 -3.96 -20.42 30.30
N MET A 48 -4.56 -21.52 29.85
CA MET A 48 -4.33 -22.84 30.42
C MET A 48 -3.46 -23.71 29.53
N GLY A 49 -3.61 -23.61 28.22
CA GLY A 49 -2.68 -24.30 27.34
C GLY A 49 -3.22 -24.36 25.91
N GLU A 50 -2.51 -25.16 25.10
CA GLU A 50 -2.90 -25.36 23.73
C GLU A 50 -2.34 -26.69 23.24
N ILE A 51 -2.86 -27.15 22.11
CA ILE A 51 -2.46 -28.40 21.51
C ILE A 51 -2.61 -28.30 19.99
N ASP A 52 -1.69 -28.96 19.28
CA ASP A 52 -1.78 -29.08 17.83
C ASP A 52 -2.24 -30.49 17.53
N PRO A 53 -3.40 -30.69 16.89
CA PRO A 53 -3.88 -32.05 16.65
C PRO A 53 -3.15 -32.76 15.53
N GLY A 54 -2.57 -32.03 14.58
CA GLY A 54 -1.84 -32.67 13.50
C GLY A 54 -0.62 -33.43 13.98
N THR A 55 0.17 -32.81 14.86
CA THR A 55 1.38 -33.42 15.38
C THR A 55 1.27 -33.86 16.84
N PHE A 56 0.16 -33.59 17.50
CA PHE A 56 -0.07 -33.94 18.90
C PHE A 56 0.92 -33.28 19.85
N THR A 57 1.57 -32.20 19.42
CA THR A 57 2.44 -31.47 20.32
C THR A 57 1.60 -30.65 21.31
N THR A 58 2.22 -30.29 22.42
CA THR A 58 1.49 -29.66 23.53
C THR A 58 2.29 -28.49 24.09
N ASN A 59 1.56 -27.51 24.60
CA ASN A 59 2.14 -26.35 25.27
C ASN A 59 1.40 -26.17 26.59
N TYR A 60 2.10 -25.62 27.58
CA TYR A 60 1.55 -25.56 28.94
C TYR A 60 1.83 -24.21 29.58
N ASN A 61 0.90 -23.81 30.45
CA ASN A 61 1.06 -22.66 31.31
C ASN A 61 1.97 -23.02 32.47
N GLU A 62 2.57 -22.00 33.08
CA GLU A 62 3.46 -22.21 34.22
C GLU A 62 2.76 -22.97 35.34
N LYS A 63 1.53 -22.57 35.67
CA LYS A 63 0.87 -23.12 36.84
C LYS A 63 0.22 -24.47 36.57
N PHE A 64 -0.23 -24.69 35.34
CA PHE A 64 -0.95 -25.90 34.97
C PHE A 64 -0.04 -26.99 34.40
N LYS A 65 1.27 -26.76 34.35
CA LYS A 65 2.18 -27.67 33.66
C LYS A 65 2.00 -29.11 34.13
N ALA A 66 2.07 -29.35 35.44
CA ALA A 66 2.01 -30.72 35.94
C ALA A 66 0.58 -31.25 36.10
N ARG A 67 -0.37 -30.38 36.43
CA ARG A 67 -1.72 -30.86 36.73
C ARG A 67 -2.48 -31.29 35.48
N VAL A 68 -2.48 -30.45 34.44
CA VAL A 68 -3.37 -30.66 33.30
C VAL A 68 -2.70 -31.57 32.27
N THR A 69 -3.54 -32.24 31.49
CA THR A 69 -3.13 -33.14 30.41
C THR A 69 -4.05 -32.91 29.22
N PHE A 70 -3.44 -32.82 28.03
CA PHE A 70 -4.17 -32.55 26.80
C PHE A 70 -4.04 -33.74 25.87
N THR A 71 -5.12 -34.09 25.18
CA THR A 71 -5.06 -35.16 24.20
C THR A 71 -6.02 -34.85 23.06
N ALA A 72 -5.88 -35.61 21.97
CA ALA A 72 -6.76 -35.44 20.82
C ALA A 72 -6.99 -36.77 20.14
N ASP A 73 -8.08 -36.84 19.37
CA ASP A 73 -8.41 -38.00 18.56
C ASP A 73 -8.79 -37.51 17.18
N THR A 74 -8.12 -38.01 16.15
CA THR A 74 -8.32 -37.44 14.81
C THR A 74 -9.66 -37.87 14.23
N SER A 75 -10.01 -39.15 14.36
CA SER A 75 -11.22 -39.67 13.74
C SER A 75 -12.47 -39.01 14.33
N THR A 76 -12.52 -38.86 15.65
CA THR A 76 -13.69 -38.26 16.28
C THR A 76 -13.71 -36.74 16.15
N SER A 77 -12.63 -36.14 15.65
CA SER A 77 -12.53 -34.68 15.54
C SER A 77 -12.77 -34.02 16.89
N THR A 78 -12.29 -34.68 17.95
CA THR A 78 -12.46 -34.24 19.32
C THR A 78 -11.12 -34.08 20.01
N ALA A 79 -11.06 -33.13 20.92
CA ALA A 79 -9.89 -32.91 21.77
C ALA A 79 -10.35 -32.91 23.21
N TYR A 80 -9.57 -33.54 24.07
CA TYR A 80 -9.94 -33.67 25.47
C TYR A 80 -8.91 -33.02 26.38
N MET A 81 -9.40 -32.51 27.49
CA MET A 81 -8.57 -31.97 28.57
C MET A 81 -8.94 -32.69 29.85
N GLU A 82 -7.94 -33.20 30.56
CA GLU A 82 -8.16 -33.89 31.83
C GLU A 82 -7.22 -33.32 32.88
N LEU A 83 -7.67 -33.29 34.14
CA LEU A 83 -6.79 -32.83 35.19
C LEU A 83 -7.18 -33.49 36.51
N SER A 84 -6.22 -33.52 37.42
CA SER A 84 -6.37 -34.08 38.77
C SER A 84 -5.79 -33.08 39.75
N SER A 85 -5.76 -33.46 41.03
CA SER A 85 -5.29 -32.61 42.13
C SER A 85 -6.20 -31.41 42.35
N LEU A 86 -7.50 -31.61 42.18
CA LEU A 86 -8.47 -30.52 42.25
C LEU A 86 -8.47 -29.88 43.64
N ARG A 87 -8.64 -28.56 43.65
CA ARG A 87 -8.74 -27.76 44.86
C ARG A 87 -10.02 -26.94 44.81
N SER A 88 -10.51 -26.58 45.99
CA SER A 88 -11.77 -25.83 46.07
C SER A 88 -11.69 -24.49 45.35
N GLU A 89 -10.52 -23.84 45.39
CA GLU A 89 -10.30 -22.65 44.58
C GLU A 89 -10.34 -22.96 43.09
N ASP A 90 -10.11 -24.20 42.69
CA ASP A 90 -10.04 -24.55 41.27
C ASP A 90 -11.41 -24.89 40.69
N THR A 91 -12.48 -24.35 41.25
CA THR A 91 -13.79 -24.42 40.62
C THR A 91 -13.88 -23.27 39.62
N ALA A 92 -14.23 -23.58 38.38
CA ALA A 92 -14.13 -22.61 37.30
C ALA A 92 -14.85 -23.14 36.06
N VAL A 93 -15.00 -22.26 35.07
CA VAL A 93 -15.57 -22.60 33.78
C VAL A 93 -14.46 -22.64 32.75
N TYR A 94 -14.45 -23.69 31.93
CA TYR A 94 -13.38 -23.94 30.97
C TYR A 94 -13.90 -23.80 29.55
N TYR A 95 -13.30 -22.88 28.80
CA TYR A 95 -13.66 -22.65 27.40
C TYR A 95 -12.58 -23.20 26.48
N CYS A 96 -12.99 -24.06 25.56
CA CYS A 96 -12.12 -24.60 24.53
C CYS A 96 -12.09 -23.65 23.35
N ALA A 97 -10.89 -23.42 22.82
CA ALA A 97 -10.67 -22.39 21.81
C ALA A 97 -9.97 -22.94 20.58
N ARG A 98 -10.27 -22.33 19.43
CA ARG A 98 -9.53 -22.53 18.20
C ARG A 98 -8.52 -21.40 18.07
N PHE A 99 -7.50 -21.62 17.24
CA PHE A 99 -6.40 -20.68 17.07
C PHE A 99 -6.24 -20.37 15.59
N SER A 100 -7.15 -19.56 15.07
CA SER A 100 -6.88 -18.93 13.79
C SER A 100 -5.75 -17.93 14.00
N HIS A 101 -4.74 -17.99 13.14
CA HIS A 101 -3.49 -17.41 13.59
C HIS A 101 -2.61 -17.04 12.42
N PHE A 102 -1.74 -16.07 12.67
CA PHE A 102 -0.64 -15.69 11.80
C PHE A 102 0.61 -15.72 12.68
N SER A 103 1.53 -16.64 12.38
CA SER A 103 2.73 -16.88 13.19
C SER A 103 2.41 -17.49 14.55
N GLY A 104 3.10 -17.05 15.60
CA GLY A 104 3.07 -17.78 16.86
C GLY A 104 1.74 -17.72 17.58
N SER A 105 1.23 -16.52 17.83
CA SER A 105 0.02 -16.35 18.63
C SER A 105 -0.85 -15.27 18.03
N ASN A 106 -2.17 -15.43 18.19
CA ASN A 106 -3.16 -14.50 17.64
C ASN A 106 -4.52 -14.78 18.27
N TYR A 107 -5.56 -14.17 17.69
CA TYR A 107 -6.93 -14.23 18.19
C TYR A 107 -7.51 -15.65 18.12
N ASP A 108 -8.67 -15.83 18.76
CA ASP A 108 -9.29 -17.13 18.94
C ASP A 108 -10.76 -17.10 18.54
N TYR A 109 -11.25 -18.26 18.06
CA TYR A 109 -12.62 -18.43 17.57
C TYR A 109 -13.22 -19.62 18.32
N PHE A 110 -14.15 -19.38 19.26
CA PHE A 110 -14.51 -20.48 20.17
C PHE A 110 -15.91 -20.38 20.74
N ASP A 111 -16.42 -21.55 21.14
CA ASP A 111 -17.72 -21.86 21.76
C ASP A 111 -17.58 -22.05 23.28
N TYR A 112 -18.67 -22.47 23.95
CA TYR A 112 -18.84 -22.27 25.40
C TYR A 112 -19.55 -23.43 26.07
N TRP A 113 -18.80 -24.44 26.52
CA TRP A 113 -19.44 -25.54 27.26
C TRP A 113 -18.52 -26.16 28.31
N GLY A 114 -17.92 -25.37 29.19
CA GLY A 114 -17.11 -25.99 30.22
C GLY A 114 -17.38 -25.46 31.61
N GLN A 115 -17.80 -26.32 32.53
CA GLN A 115 -18.00 -25.91 33.91
C GLN A 115 -17.32 -26.91 34.84
N GLY A 116 -16.51 -26.41 35.76
CA GLY A 116 -15.91 -27.25 36.77
C GLY A 116 -16.35 -26.87 38.16
N THR A 117 -17.10 -27.74 38.84
CA THR A 117 -17.53 -27.50 40.21
C THR A 117 -17.26 -28.73 41.05
N LEU A 118 -16.53 -28.55 42.15
CA LEU A 118 -16.23 -29.63 43.08
C LEU A 118 -16.78 -29.28 44.46
N VAL A 119 -17.39 -30.27 45.10
CA VAL A 119 -17.95 -30.07 46.43
C VAL A 119 -16.85 -29.70 47.41
N THR A 120 -17.11 -28.69 48.23
CA THR A 120 -16.10 -28.19 49.16
C THR A 120 -16.62 -28.08 50.58
N GLU A 144 5.78 -12.56 31.46
CA GLU A 144 5.26 -11.96 32.68
C GLU A 144 4.65 -10.59 32.40
N ILE A 145 3.65 -10.57 31.52
CA ILE A 145 3.00 -9.33 31.09
C ILE A 145 1.55 -9.37 31.55
N VAL A 146 1.15 -8.38 32.35
CA VAL A 146 -0.23 -8.32 32.83
C VAL A 146 -1.00 -7.32 31.99
N MET A 147 -2.30 -7.62 31.81
CA MET A 147 -3.23 -6.74 31.12
C MET A 147 -4.17 -6.15 32.15
N THR A 148 -4.19 -4.83 32.27
CA THR A 148 -5.06 -4.15 33.21
C THR A 148 -6.20 -3.48 32.45
N GLN A 149 -7.42 -3.87 32.76
CA GLN A 149 -8.63 -3.37 32.10
C GLN A 149 -9.45 -2.55 33.09
N SER A 150 -9.85 -1.35 32.68
CA SER A 150 -10.55 -0.39 33.53
C SER A 150 -11.39 0.50 32.62
N PRO A 151 -12.50 1.08 33.12
CA PRO A 151 -13.16 0.90 34.43
C PRO A 151 -13.77 -0.48 34.65
N ALA A 152 -13.97 -0.83 35.92
CA ALA A 152 -14.44 -2.17 36.27
C ALA A 152 -15.85 -2.41 35.75
N THR A 153 -16.74 -1.43 35.91
CA THR A 153 -18.13 -1.59 35.54
C THR A 153 -18.73 -0.22 35.21
N LEU A 154 -19.63 -0.21 34.24
CA LEU A 154 -20.38 0.99 33.88
C LEU A 154 -21.76 0.53 33.46
N SER A 155 -22.81 1.03 34.14
CA SER A 155 -24.12 0.49 33.89
C SER A 155 -24.75 1.11 32.64
N VAL A 156 -25.91 0.56 32.27
CA VAL A 156 -26.55 0.91 31.02
C VAL A 156 -27.01 2.37 31.03
N SER A 157 -26.66 3.08 29.96
CA SER A 157 -27.25 4.38 29.65
C SER A 157 -27.35 4.43 28.13
N PRO A 158 -28.52 4.15 27.57
CA PRO A 158 -28.61 3.96 26.11
C PRO A 158 -28.39 5.27 25.37
N GLY A 159 -27.70 5.18 24.24
CA GLY A 159 -27.42 6.33 23.42
C GLY A 159 -26.18 7.11 23.80
N GLU A 160 -25.51 6.74 24.90
CA GLU A 160 -24.36 7.45 25.41
C GLU A 160 -23.09 6.69 25.10
N ARG A 161 -22.07 7.41 24.64
CA ARG A 161 -20.78 6.78 24.33
C ARG A 161 -20.15 6.20 25.58
N ALA A 162 -19.63 4.98 25.45
CA ALA A 162 -18.97 4.27 26.54
C ALA A 162 -17.57 3.92 26.09
N THR A 163 -16.58 4.25 26.92
CA THR A 163 -15.18 4.05 26.58
C THR A 163 -14.55 3.09 27.59
N LEU A 164 -13.88 2.05 27.07
CA LEU A 164 -13.21 1.05 27.87
C LEU A 164 -11.72 1.07 27.58
N SER A 165 -10.90 1.06 28.63
CA SER A 165 -9.45 1.18 28.51
C SER A 165 -8.77 -0.10 28.98
N CYS A 166 -7.71 -0.50 28.27
CA CYS A 166 -6.90 -1.65 28.61
C CYS A 166 -5.44 -1.28 28.56
N ARG A 167 -4.69 -1.60 29.62
CA ARG A 167 -3.28 -1.24 29.73
C ARG A 167 -2.44 -2.46 30.06
N ALA A 168 -1.31 -2.60 29.36
CA ALA A 168 -0.37 -3.68 29.58
C ALA A 168 0.93 -3.12 30.15
N SER A 169 1.60 -3.90 30.98
CA SER A 169 2.83 -3.42 31.61
C SER A 169 3.95 -3.25 30.59
N GLN A 170 4.08 -4.21 29.67
CA GLN A 170 5.10 -4.15 28.63
C GLN A 170 4.44 -3.87 27.29
N SER A 171 5.04 -2.96 26.52
CA SER A 171 4.49 -2.59 25.22
C SER A 171 4.32 -3.80 24.32
N ILE A 172 3.10 -3.97 23.79
CA ILE A 172 2.73 -5.13 22.98
C ILE A 172 2.59 -4.77 21.51
N GLY A 173 2.77 -3.52 21.13
CA GLY A 173 2.51 -3.11 19.76
C GLY A 173 1.03 -3.09 19.42
N THR A 174 0.62 -3.89 18.44
CA THR A 174 -0.78 -3.99 18.06
C THR A 174 -1.35 -5.40 18.26
N ASN A 175 -0.65 -6.26 19.00
CA ASN A 175 -1.10 -7.64 19.21
C ASN A 175 -2.06 -7.70 20.39
N ILE A 176 -3.26 -7.20 20.14
CA ILE A 176 -4.33 -7.15 21.14
C ILE A 176 -5.65 -7.45 20.47
N HIS A 177 -6.59 -7.99 21.23
CA HIS A 177 -7.88 -8.38 20.67
C HIS A 177 -8.97 -8.13 21.70
N TRP A 178 -10.20 -7.91 21.21
CA TRP A 178 -11.34 -7.59 22.05
C TRP A 178 -12.42 -8.65 21.86
N TYR A 179 -12.92 -9.15 22.98
CA TYR A 179 -13.92 -10.21 22.99
C TYR A 179 -15.19 -9.69 23.65
N GLN A 180 -16.33 -10.28 23.26
CA GLN A 180 -17.63 -9.96 23.86
C GLN A 180 -18.23 -11.26 24.40
N GLN A 181 -18.35 -11.35 25.72
CA GLN A 181 -18.96 -12.51 26.35
C GLN A 181 -20.25 -12.08 27.02
N LYS A 182 -21.38 -12.39 26.38
CA LYS A 182 -22.64 -12.23 27.06
C LYS A 182 -22.75 -13.31 28.15
N PRO A 183 -23.36 -13.00 29.28
CA PRO A 183 -23.34 -13.93 30.43
C PRO A 183 -24.02 -15.25 30.10
N GLY A 184 -23.26 -16.33 30.26
CA GLY A 184 -23.71 -17.67 29.96
C GLY A 184 -23.36 -18.16 28.57
N GLN A 185 -22.67 -17.36 27.77
CA GLN A 185 -22.32 -17.70 26.40
C GLN A 185 -20.81 -17.55 26.20
N ALA A 186 -20.38 -17.81 24.97
CA ALA A 186 -18.97 -17.73 24.63
C ALA A 186 -18.54 -16.28 24.45
N PRO A 187 -17.31 -15.94 24.84
CA PRO A 187 -16.72 -14.69 24.36
C PRO A 187 -16.73 -14.65 22.85
N ARG A 188 -17.22 -13.53 22.30
CA ARG A 188 -17.34 -13.34 20.87
C ARG A 188 -16.23 -12.40 20.41
N LEU A 189 -15.45 -12.85 19.45
CA LEU A 189 -14.39 -12.00 18.92
C LEU A 189 -15.02 -10.79 18.24
N LEU A 190 -14.64 -9.60 18.69
CA LEU A 190 -15.18 -8.35 18.16
C LEU A 190 -14.18 -7.63 17.27
N ILE A 191 -12.99 -7.36 17.79
CA ILE A 191 -11.96 -6.63 17.08
C ILE A 191 -10.68 -7.46 17.12
N TYR A 192 -10.06 -7.64 15.97
CA TYR A 192 -8.77 -8.31 15.89
C TYR A 192 -7.70 -7.30 15.52
N TYR A 193 -6.65 -7.22 16.35
CA TYR A 193 -5.49 -6.34 16.23
C TYR A 193 -5.82 -4.90 16.61
N ALA A 194 -6.96 -4.66 17.26
CA ALA A 194 -7.45 -3.41 17.84
C ALA A 194 -7.97 -2.43 16.79
N SER A 195 -7.84 -2.72 15.50
CA SER A 195 -8.29 -1.79 14.48
C SER A 195 -9.52 -2.24 13.72
N GLU A 196 -9.55 -3.47 13.22
CA GLU A 196 -10.60 -3.91 12.30
C GLU A 196 -11.63 -4.78 13.00
N SER A 197 -12.89 -4.62 12.61
CA SER A 197 -13.97 -5.39 13.20
C SER A 197 -14.25 -6.61 12.33
N ILE A 198 -14.62 -7.70 12.97
CA ILE A 198 -15.05 -8.86 12.20
C ILE A 198 -16.39 -8.54 11.57
N SER A 199 -16.64 -9.09 10.38
CA SER A 199 -17.86 -8.78 9.65
C SER A 199 -19.11 -9.11 10.48
N GLY A 200 -20.21 -8.43 10.14
CA GLY A 200 -21.46 -8.58 10.85
C GLY A 200 -21.61 -7.76 12.11
N ILE A 201 -20.53 -7.25 12.67
CA ILE A 201 -20.60 -6.44 13.89
C ILE A 201 -21.04 -5.04 13.52
N PRO A 202 -21.95 -4.42 14.28
CA PRO A 202 -22.35 -3.04 13.98
C PRO A 202 -21.17 -2.08 14.09
N ALA A 203 -21.21 -1.05 13.24
CA ALA A 203 -20.10 -0.10 13.15
C ALA A 203 -19.90 0.75 14.38
N ARG A 204 -20.81 0.67 15.37
CA ARG A 204 -20.64 1.48 16.57
C ARG A 204 -19.41 1.06 17.35
N PHE A 205 -19.11 -0.24 17.37
CA PHE A 205 -17.91 -0.71 18.04
C PHE A 205 -16.68 -0.27 17.26
N SER A 206 -15.74 0.36 17.95
CA SER A 206 -14.49 0.78 17.32
C SER A 206 -13.35 0.67 18.33
N GLY A 207 -12.19 0.25 17.86
CA GLY A 207 -11.01 0.13 18.70
C GLY A 207 -9.85 0.93 18.15
N SER A 208 -9.05 1.47 19.07
CA SER A 208 -7.85 2.21 18.69
C SER A 208 -6.92 2.24 19.89
N GLY A 209 -5.63 2.36 19.62
CA GLY A 209 -4.64 2.42 20.68
C GLY A 209 -3.32 1.82 20.22
N SER A 210 -2.30 1.98 21.07
CA SER A 210 -0.98 1.46 20.75
C SER A 210 -0.14 1.39 22.02
N GLY A 211 0.94 0.61 21.93
CA GLY A 211 1.90 0.53 23.02
C GLY A 211 1.32 -0.11 24.27
N THR A 212 1.36 0.63 25.38
CA THR A 212 0.86 0.10 26.63
C THR A 212 -0.63 0.34 26.84
N GLU A 213 -1.18 1.38 26.23
CA GLU A 213 -2.57 1.75 26.44
C GLU A 213 -3.41 1.37 25.23
N PHE A 214 -4.65 0.97 25.49
CA PHE A 214 -5.60 0.66 24.44
C PHE A 214 -7.00 1.01 24.93
N THR A 215 -7.85 1.43 23.99
CA THR A 215 -9.20 1.85 24.31
C THR A 215 -10.17 1.24 23.31
N LEU A 216 -11.24 0.65 23.82
CA LEU A 216 -12.34 0.16 23.02
C LEU A 216 -13.52 1.11 23.24
N THR A 217 -14.00 1.70 22.16
CA THR A 217 -15.06 2.71 22.22
C THR A 217 -16.30 2.20 21.54
N ILE A 218 -17.43 2.23 22.24
CA ILE A 218 -18.73 1.96 21.67
C ILE A 218 -19.37 3.32 21.42
N SER A 219 -19.55 3.66 20.14
CA SER A 219 -20.04 4.98 19.77
C SER A 219 -21.40 5.25 20.40
N SER A 220 -22.34 4.31 20.23
CA SER A 220 -23.64 4.37 20.89
C SER A 220 -23.89 3.04 21.57
N LEU A 221 -24.41 3.09 22.79
CA LEU A 221 -24.60 1.90 23.61
C LEU A 221 -26.04 1.42 23.49
N GLN A 222 -26.21 0.14 23.22
CA GLN A 222 -27.52 -0.46 23.01
C GLN A 222 -27.72 -1.64 23.95
N SER A 223 -28.92 -1.73 24.53
CA SER A 223 -29.25 -2.84 25.41
C SER A 223 -29.20 -4.18 24.69
N GLU A 224 -29.26 -4.19 23.36
CA GLU A 224 -29.17 -5.45 22.63
C GLU A 224 -27.82 -6.12 22.87
N ASP A 225 -26.76 -5.34 22.94
CA ASP A 225 -25.41 -5.84 23.16
C ASP A 225 -24.98 -5.41 24.56
N PHE A 226 -25.12 -6.32 25.52
CA PHE A 226 -24.63 -6.09 26.88
C PHE A 226 -23.84 -7.33 27.27
N ALA A 227 -22.63 -7.12 27.81
CA ALA A 227 -21.71 -8.23 28.04
C ALA A 227 -20.42 -7.87 28.77
N VAL A 228 -19.58 -8.85 29.00
CA VAL A 228 -18.22 -8.61 29.48
C VAL A 228 -17.30 -8.50 28.27
N TYR A 229 -16.38 -7.56 28.32
CA TYR A 229 -15.41 -7.36 27.24
C TYR A 229 -14.01 -7.60 27.78
N TYR A 230 -13.29 -8.53 27.15
CA TYR A 230 -12.00 -8.97 27.66
C TYR A 230 -10.86 -8.56 26.72
N CYS A 231 -9.77 -8.14 27.33
CA CYS A 231 -8.56 -7.76 26.62
C CYS A 231 -7.72 -9.01 26.33
N GLN A 232 -7.09 -9.04 25.15
CA GLN A 232 -6.28 -10.17 24.70
C GLN A 232 -4.88 -9.70 24.32
N GLN A 233 -3.88 -10.54 24.59
CA GLN A 233 -2.48 -10.24 24.32
C GLN A 233 -1.85 -11.34 23.48
N SER A 234 -1.32 -10.97 22.32
CA SER A 234 -0.62 -11.90 21.45
C SER A 234 0.88 -11.66 21.38
N TRP A 235 1.39 -10.59 22.02
CA TRP A 235 2.79 -10.24 21.87
C TRP A 235 3.73 -11.30 22.44
N SER A 236 3.50 -11.72 23.69
CA SER A 236 4.43 -12.63 24.36
C SER A 236 3.65 -13.66 25.17
N TRP A 237 4.38 -14.69 25.62
CA TRP A 237 3.85 -15.83 26.35
C TRP A 237 4.13 -15.69 27.85
N PRO A 238 3.20 -16.13 28.70
CA PRO A 238 1.92 -16.71 28.27
C PRO A 238 0.91 -15.62 27.93
N THR A 239 -0.10 -15.96 27.14
CA THR A 239 -1.13 -15.00 26.79
C THR A 239 -1.96 -14.68 28.03
N THR A 240 -2.30 -13.41 28.20
CA THR A 240 -3.01 -12.94 29.37
C THR A 240 -4.25 -12.18 28.93
N PHE A 241 -5.22 -12.08 29.84
CA PHE A 241 -6.45 -11.36 29.57
C PHE A 241 -6.73 -10.39 30.69
N GLY A 242 -7.33 -9.25 30.34
CA GLY A 242 -7.72 -8.28 31.33
C GLY A 242 -8.84 -8.80 32.21
N GLY A 243 -9.06 -8.09 33.31
CA GLY A 243 -10.15 -8.44 34.21
C GLY A 243 -11.51 -8.41 33.54
N GLY A 244 -11.69 -7.51 32.59
CA GLY A 244 -12.93 -7.42 31.85
C GLY A 244 -13.80 -6.29 32.38
N THR A 245 -14.73 -5.85 31.53
CA THR A 245 -15.68 -4.82 31.92
C THR A 245 -17.07 -5.19 31.41
N LYS A 246 -17.98 -5.42 32.33
CA LYS A 246 -19.39 -5.72 32.08
C LYS A 246 -20.21 -4.47 32.36
N VAL A 247 -21.44 -4.46 31.83
CA VAL A 247 -22.29 -3.28 31.92
C VAL A 247 -23.59 -3.51 32.70
N ARG B 36 7.66 -5.73 10.45
CA ARG B 36 7.48 -5.97 9.03
C ARG B 36 7.02 -7.40 8.73
N GLY B 37 6.06 -7.91 9.50
CA GLY B 37 5.64 -9.29 9.30
C GLY B 37 4.99 -9.50 7.94
N VAL B 38 5.15 -10.71 7.43
CA VAL B 38 4.66 -11.08 6.11
C VAL B 38 3.19 -11.41 6.17
N SER B 39 2.46 -11.07 5.11
CA SER B 39 1.03 -11.38 5.01
C SER B 39 0.68 -11.97 3.64
N ALA B 40 -0.53 -12.55 3.61
CA ALA B 40 -1.07 -13.27 2.47
C ALA B 40 -2.57 -13.01 2.39
N TYR B 41 -3.09 -12.98 1.17
CA TYR B 41 -4.50 -12.73 0.94
C TYR B 41 -5.11 -13.85 0.11
N LEU B 42 -6.40 -14.06 0.30
CA LEU B 42 -7.19 -15.00 -0.48
C LEU B 42 -8.31 -14.23 -1.15
N SER B 43 -8.57 -14.53 -2.42
CA SER B 43 -9.57 -13.82 -3.18
C SER B 43 -10.74 -14.72 -3.53
N ARG B 44 -11.86 -14.10 -3.86
CA ARG B 44 -13.12 -14.77 -4.15
C ARG B 44 -13.40 -14.81 -5.63
N PRO B 45 -14.21 -15.77 -6.09
CA PRO B 45 -14.48 -15.90 -7.52
C PRO B 45 -15.34 -14.77 -8.04
N SER B 46 -15.05 -14.35 -9.27
CA SER B 46 -15.80 -13.30 -9.92
C SER B 46 -17.14 -13.82 -10.43
N PRO B 47 -18.15 -12.96 -10.51
CA PRO B 47 -19.44 -13.44 -11.03
C PRO B 47 -19.40 -13.86 -12.48
N PHE B 48 -18.52 -13.27 -13.30
CA PHE B 48 -18.43 -13.71 -14.68
C PHE B 48 -17.86 -15.12 -14.79
N ASP B 49 -16.81 -15.42 -14.02
CA ASP B 49 -16.27 -16.77 -13.97
C ASP B 49 -17.23 -17.74 -13.29
N LEU B 50 -18.19 -17.22 -12.51
CA LEU B 50 -19.10 -18.05 -11.74
C LEU B 50 -20.33 -18.45 -12.55
N PHE B 51 -20.99 -17.49 -13.19
CA PHE B 51 -22.30 -17.74 -13.78
C PHE B 51 -22.26 -18.16 -15.24
N ILE B 52 -21.30 -17.65 -16.00
CA ILE B 52 -21.26 -17.90 -17.45
C ILE B 52 -20.20 -18.92 -17.81
N ARG B 53 -18.95 -18.64 -17.41
CA ARG B 53 -17.88 -19.59 -17.68
C ARG B 53 -18.10 -20.92 -16.97
N LYS B 54 -18.81 -20.92 -15.85
CA LYS B 54 -19.09 -22.10 -15.04
C LYS B 54 -17.83 -22.62 -14.37
N SER B 55 -16.73 -21.88 -14.41
CA SER B 55 -15.51 -22.26 -13.72
C SER B 55 -15.13 -21.17 -12.74
N PRO B 56 -15.55 -21.26 -11.48
CA PRO B 56 -15.10 -20.29 -10.47
C PRO B 56 -13.79 -20.74 -9.83
N THR B 57 -12.80 -19.85 -9.80
CA THR B 57 -11.48 -20.13 -9.25
C THR B 57 -11.19 -19.21 -8.07
N ILE B 58 -10.79 -19.78 -6.94
CA ILE B 58 -10.38 -18.99 -5.78
C ILE B 58 -8.87 -19.07 -5.65
N THR B 59 -8.24 -17.92 -5.43
CA THR B 59 -6.79 -17.79 -5.45
C THR B 59 -6.29 -17.39 -4.07
N CYS B 60 -5.32 -18.15 -3.56
CA CYS B 60 -4.66 -17.86 -2.30
C CYS B 60 -3.20 -17.50 -2.61
N LEU B 61 -2.80 -16.28 -2.27
CA LEU B 61 -1.48 -15.79 -2.62
C LEU B 61 -0.83 -15.12 -1.41
N VAL B 62 0.50 -15.10 -1.42
CA VAL B 62 1.30 -14.49 -0.37
C VAL B 62 2.14 -13.39 -1.00
N VAL B 63 2.35 -12.31 -0.24
CA VAL B 63 3.00 -11.08 -0.71
C VAL B 63 3.96 -10.63 0.38
N ASP B 64 4.81 -9.66 0.05
CA ASP B 64 5.84 -9.15 0.94
C ASP B 64 6.83 -10.24 1.33
N LEU B 65 6.82 -11.37 0.63
CA LEU B 65 7.76 -12.44 0.93
C LEU B 65 9.18 -11.92 0.90
N ALA B 66 9.84 -11.97 2.05
CA ALA B 66 11.26 -11.64 2.10
C ALA B 66 11.98 -12.78 1.41
N PRO B 67 12.71 -12.52 0.32
CA PRO B 67 13.31 -13.63 -0.42
C PRO B 67 14.24 -14.45 0.45
N SER B 68 14.04 -15.76 0.42
CA SER B 68 14.81 -16.73 1.18
C SER B 68 14.79 -18.01 0.38
N LYS B 69 15.78 -18.87 0.61
CA LYS B 69 15.78 -20.10 -0.16
C LYS B 69 14.72 -21.08 0.35
N GLY B 70 14.08 -20.79 1.48
CA GLY B 70 12.98 -21.63 1.93
C GLY B 70 11.82 -21.54 0.96
N THR B 71 11.35 -22.70 0.51
CA THR B 71 10.21 -22.77 -0.40
C THR B 71 8.90 -22.82 0.37
N VAL B 72 7.90 -22.10 -0.10
CA VAL B 72 6.63 -21.96 0.60
C VAL B 72 5.63 -22.96 0.02
N ASN B 73 4.96 -23.70 0.89
CA ASN B 73 4.02 -24.74 0.47
C ASN B 73 2.58 -24.35 0.84
N LEU B 74 1.69 -24.40 -0.14
CA LEU B 74 0.27 -24.08 0.06
C LEU B 74 -0.60 -25.30 -0.20
N THR B 75 -1.45 -25.62 0.77
CA THR B 75 -2.39 -26.73 0.70
C THR B 75 -3.80 -26.16 0.77
N TRP B 76 -4.77 -26.98 0.38
CA TRP B 76 -6.17 -26.58 0.32
C TRP B 76 -7.07 -27.63 0.97
N SER B 77 -8.20 -27.17 1.50
CA SER B 77 -9.25 -28.09 1.93
C SER B 77 -10.57 -27.35 1.93
N ARG B 78 -11.66 -28.11 2.04
CA ARG B 78 -12.97 -27.52 2.21
C ARG B 78 -13.50 -27.93 3.57
N ALA B 79 -14.50 -27.20 4.05
CA ALA B 79 -14.94 -27.40 5.43
C ALA B 79 -15.52 -28.79 5.63
N SER B 80 -16.27 -29.29 4.65
CA SER B 80 -16.94 -30.58 4.77
C SER B 80 -16.00 -31.77 4.66
N GLY B 81 -14.71 -31.56 4.42
CA GLY B 81 -13.84 -32.71 4.24
C GLY B 81 -14.14 -33.48 2.97
N LYS B 82 -14.80 -32.85 2.01
CA LYS B 82 -15.19 -33.47 0.76
C LYS B 82 -14.14 -33.17 -0.30
N PRO B 83 -14.19 -33.81 -1.48
CA PRO B 83 -13.00 -33.85 -2.35
C PRO B 83 -12.51 -32.46 -2.72
N VAL B 84 -11.21 -32.38 -2.99
CA VAL B 84 -10.55 -31.13 -3.34
C VAL B 84 -9.81 -31.35 -4.65
N ASN B 85 -9.98 -30.42 -5.59
CA ASN B 85 -9.26 -30.49 -6.85
C ASN B 85 -7.89 -29.87 -6.66
N HIS B 86 -6.93 -30.37 -7.43
CA HIS B 86 -5.57 -29.85 -7.27
C HIS B 86 -5.50 -28.41 -7.75
N SER B 87 -4.68 -27.63 -7.08
CA SER B 87 -4.58 -26.20 -7.35
C SER B 87 -3.33 -25.95 -8.18
N THR B 88 -3.48 -25.16 -9.23
CA THR B 88 -2.32 -24.75 -10.00
C THR B 88 -1.53 -23.70 -9.22
N ARG B 89 -0.23 -23.92 -9.07
CA ARG B 89 0.63 -23.06 -8.27
C ARG B 89 1.63 -22.33 -9.16
N LYS B 90 1.69 -21.00 -9.02
CA LYS B 90 2.59 -20.15 -9.80
C LYS B 90 3.27 -19.17 -8.86
N GLU B 91 4.59 -19.16 -8.87
CA GLU B 91 5.40 -18.32 -8.01
C GLU B 91 6.19 -17.36 -8.89
N GLU B 92 6.14 -16.06 -8.56
CA GLU B 92 6.82 -15.10 -9.41
C GLU B 92 7.31 -13.90 -8.62
N LYS B 93 8.43 -13.35 -9.08
CA LYS B 93 9.00 -12.12 -8.58
C LYS B 93 8.25 -10.92 -9.16
N GLN B 94 8.45 -9.77 -8.55
CA GLN B 94 7.79 -8.53 -8.95
C GLN B 94 8.80 -7.40 -9.05
N ARG B 95 8.30 -6.26 -9.54
CA ARG B 95 9.16 -5.11 -9.81
C ARG B 95 9.80 -4.61 -8.52
N ASN B 96 8.99 -4.44 -7.47
CA ASN B 96 9.55 -3.94 -6.23
C ASN B 96 10.40 -4.99 -5.47
N GLY B 97 10.67 -6.14 -6.07
CA GLY B 97 11.58 -7.13 -5.52
C GLY B 97 10.95 -8.13 -4.58
N THR B 98 9.72 -7.87 -4.13
CA THR B 98 9.03 -8.81 -3.26
C THR B 98 8.48 -9.97 -4.08
N LEU B 99 8.46 -11.13 -3.45
CA LEU B 99 8.01 -12.34 -4.11
C LEU B 99 6.53 -12.50 -3.85
N THR B 100 5.79 -12.92 -4.88
CA THR B 100 4.37 -13.18 -4.74
C THR B 100 4.13 -14.59 -5.23
N VAL B 101 3.53 -15.42 -4.40
CA VAL B 101 3.27 -16.80 -4.77
C VAL B 101 1.77 -17.03 -4.69
N THR B 102 1.21 -17.61 -5.74
CA THR B 102 -0.23 -17.77 -5.83
C THR B 102 -0.57 -19.22 -6.13
N SER B 103 -1.74 -19.63 -5.64
CA SER B 103 -2.29 -20.95 -5.91
C SER B 103 -3.75 -20.75 -6.24
N THR B 104 -4.16 -21.25 -7.39
CA THR B 104 -5.52 -21.07 -7.90
C THR B 104 -6.19 -22.43 -7.88
N LEU B 105 -7.34 -22.50 -7.20
CA LEU B 105 -8.08 -23.74 -7.10
C LEU B 105 -9.40 -23.58 -7.82
N PRO B 106 -9.67 -24.42 -8.81
CA PRO B 106 -10.98 -24.41 -9.45
C PRO B 106 -12.03 -25.03 -8.53
N VAL B 107 -13.18 -24.40 -8.47
CA VAL B 107 -14.26 -24.80 -7.58
C VAL B 107 -15.49 -25.08 -8.41
N GLY B 108 -16.28 -26.06 -7.99
CA GLY B 108 -17.56 -26.28 -8.63
C GLY B 108 -18.53 -25.17 -8.27
N THR B 109 -19.30 -24.73 -9.27
CA THR B 109 -20.27 -23.66 -9.03
C THR B 109 -21.30 -24.05 -7.99
N ARG B 110 -21.79 -25.30 -8.06
CA ARG B 110 -22.80 -25.73 -7.10
C ARG B 110 -22.24 -25.79 -5.69
N ASP B 111 -20.99 -26.26 -5.55
CA ASP B 111 -20.36 -26.29 -4.23
C ASP B 111 -20.29 -24.90 -3.61
N TRP B 112 -20.06 -23.87 -4.43
CA TRP B 112 -19.96 -22.51 -3.92
C TRP B 112 -21.33 -21.92 -3.64
N ILE B 113 -22.31 -22.18 -4.52
CA ILE B 113 -23.65 -21.66 -4.30
C ILE B 113 -24.26 -22.28 -3.04
N GLU B 114 -23.91 -23.54 -2.75
CA GLU B 114 -24.34 -24.15 -1.50
C GLU B 114 -23.78 -23.40 -0.31
N GLY B 115 -22.58 -22.84 -0.43
CA GLY B 115 -21.98 -22.03 0.61
C GLY B 115 -20.86 -22.69 1.38
N GLU B 116 -20.35 -23.81 0.90
CA GLU B 116 -19.23 -24.46 1.58
C GLU B 116 -18.05 -23.51 1.66
N THR B 117 -17.44 -23.43 2.83
CA THR B 117 -16.31 -22.53 3.03
C THR B 117 -15.03 -23.29 2.78
N TYR B 118 -14.12 -22.67 2.06
CA TYR B 118 -12.86 -23.28 1.68
C TYR B 118 -11.74 -22.64 2.48
N GLN B 119 -10.73 -23.45 2.79
CA GLN B 119 -9.61 -23.04 3.61
C GLN B 119 -8.32 -23.23 2.84
N CYS B 120 -7.53 -22.17 2.76
CA CYS B 120 -6.19 -22.20 2.21
C CYS B 120 -5.19 -22.19 3.37
N ARG B 121 -4.33 -23.20 3.41
CA ARG B 121 -3.30 -23.32 4.43
C ARG B 121 -1.98 -23.00 3.78
N VAL B 122 -1.25 -22.04 4.32
CA VAL B 122 0.07 -21.70 3.82
C VAL B 122 1.08 -22.00 4.91
N THR B 123 2.14 -22.72 4.55
CA THR B 123 3.21 -23.04 5.47
C THR B 123 4.51 -22.52 4.89
N HIS B 124 5.29 -21.86 5.74
CA HIS B 124 6.51 -21.16 5.38
C HIS B 124 7.57 -21.52 6.40
N PRO B 125 8.75 -21.97 5.96
CA PRO B 125 9.80 -22.35 6.93
C PRO B 125 10.21 -21.23 7.88
N HIS B 126 10.12 -19.98 7.47
CA HIS B 126 10.47 -18.88 8.36
C HIS B 126 9.45 -18.70 9.48
N LEU B 127 8.17 -18.92 9.19
CA LEU B 127 7.13 -18.68 10.17
C LEU B 127 7.08 -19.81 11.20
N PRO B 128 6.81 -19.50 12.46
CA PRO B 128 6.80 -20.55 13.49
C PRO B 128 5.68 -21.55 13.31
N ARG B 129 4.47 -21.05 13.06
CA ARG B 129 3.31 -21.90 12.82
C ARG B 129 2.65 -21.51 11.51
N ALA B 130 1.93 -22.46 10.94
CA ALA B 130 1.26 -22.26 9.67
C ALA B 130 0.22 -21.15 9.76
N LEU B 131 -0.11 -20.59 8.61
CA LEU B 131 -1.11 -19.55 8.48
C LEU B 131 -2.32 -20.10 7.72
N MET B 132 -3.49 -19.60 8.07
CA MET B 132 -4.74 -20.09 7.48
C MET B 132 -5.58 -18.91 7.02
N ARG B 133 -6.26 -19.09 5.87
CA ARG B 133 -7.19 -18.11 5.33
C ARG B 133 -8.45 -18.85 4.90
N SER B 134 -9.61 -18.24 5.10
CA SER B 134 -10.88 -18.90 4.84
C SER B 134 -11.77 -18.01 3.98
N THR B 135 -12.62 -18.65 3.18
CA THR B 135 -13.53 -17.91 2.32
C THR B 135 -14.84 -18.68 2.16
N THR B 136 -15.91 -17.95 1.86
CA THR B 136 -17.20 -18.56 1.56
C THR B 136 -18.13 -17.50 0.96
N LYS B 137 -19.26 -17.98 0.45
CA LYS B 137 -20.29 -17.15 -0.17
C LYS B 137 -20.77 -16.04 0.76
N THR B 138 -21.16 -14.91 0.17
CA THR B 138 -21.73 -13.79 0.91
C THR B 138 -23.23 -13.96 1.08
N SER B 139 -23.73 -13.64 2.28
CA SER B 139 -25.15 -13.76 2.59
C SER B 139 -25.81 -12.42 2.90
N GLY B 140 -25.15 -11.30 2.62
CA GLY B 140 -25.71 -10.00 2.87
C GLY B 140 -26.84 -9.68 1.91
N PRO B 141 -27.52 -8.55 2.13
CA PRO B 141 -28.56 -8.13 1.19
C PRO B 141 -28.00 -7.92 -0.21
N ARG B 142 -28.77 -8.28 -1.22
CA ARG B 142 -28.35 -8.23 -2.61
C ARG B 142 -29.16 -7.18 -3.37
N ALA B 143 -28.48 -6.31 -4.10
CA ALA B 143 -29.11 -5.25 -4.89
C ALA B 143 -28.72 -5.40 -6.35
N ALA B 144 -29.73 -5.31 -7.24
CA ALA B 144 -29.48 -5.47 -8.67
C ALA B 144 -28.69 -4.29 -9.23
N PRO B 145 -27.75 -4.53 -10.14
CA PRO B 145 -26.96 -3.43 -10.71
C PRO B 145 -27.74 -2.63 -11.74
N GLU B 146 -27.59 -1.31 -11.66
CA GLU B 146 -28.13 -0.39 -12.66
C GLU B 146 -27.01 0.00 -13.61
N VAL B 147 -27.24 -0.18 -14.91
CA VAL B 147 -26.23 0.06 -15.92
C VAL B 147 -26.62 1.32 -16.70
N TYR B 148 -25.65 2.22 -16.89
CA TYR B 148 -25.83 3.43 -17.67
C TYR B 148 -24.72 3.51 -18.69
N ALA B 149 -25.10 3.57 -19.97
CA ALA B 149 -24.16 3.65 -21.08
C ALA B 149 -24.19 5.05 -21.68
N PHE B 150 -23.01 5.66 -21.80
CA PHE B 150 -22.85 7.01 -22.30
C PHE B 150 -21.87 7.03 -23.47
N ALA B 151 -22.11 7.95 -24.40
CA ALA B 151 -21.29 8.13 -25.57
C ALA B 151 -20.75 9.55 -25.59
N THR B 152 -19.52 9.71 -26.04
CA THR B 152 -18.87 11.00 -26.05
C THR B 152 -19.04 11.68 -27.41
N PRO B 153 -19.29 13.00 -27.41
CA PRO B 153 -19.34 13.72 -28.69
C PRO B 153 -18.02 13.62 -29.42
N GLU B 154 -18.10 13.71 -30.75
CA GLU B 154 -16.93 13.69 -31.62
C GLU B 154 -16.11 14.95 -31.43
N TRP B 155 -14.83 14.78 -31.10
CA TRP B 155 -13.94 15.89 -30.82
C TRP B 155 -12.88 15.98 -31.90
N PRO B 156 -12.28 17.16 -32.09
CA PRO B 156 -11.33 17.33 -33.19
C PRO B 156 -10.05 16.51 -32.95
N GLY B 157 -9.51 15.99 -34.05
CA GLY B 157 -8.26 15.28 -34.02
C GLY B 157 -8.40 13.80 -33.78
N SER B 158 -9.59 13.32 -33.44
CA SER B 158 -9.87 11.90 -33.23
C SER B 158 -11.26 11.64 -33.80
N ARG B 159 -11.40 11.88 -35.10
CA ARG B 159 -12.69 11.68 -35.76
C ARG B 159 -13.09 10.22 -35.81
N ASP B 160 -12.11 9.34 -35.97
CA ASP B 160 -12.39 7.92 -36.15
C ASP B 160 -12.64 7.19 -34.83
N LYS B 161 -11.92 7.58 -33.77
CA LYS B 161 -12.00 6.89 -32.49
C LYS B 161 -12.84 7.71 -31.51
N ARG B 162 -13.77 7.04 -30.83
CA ARG B 162 -14.67 7.64 -29.86
C ARG B 162 -14.59 6.89 -28.54
N THR B 163 -15.14 7.51 -27.50
CA THR B 163 -15.08 6.99 -26.14
C THR B 163 -16.47 6.66 -25.63
N LEU B 164 -16.58 5.51 -24.96
CA LEU B 164 -17.81 5.05 -24.32
C LEU B 164 -17.59 4.88 -22.84
N ALA B 165 -18.59 5.27 -22.04
CA ALA B 165 -18.52 5.18 -20.59
C ALA B 165 -19.67 4.32 -20.07
N CYS B 166 -19.42 3.61 -18.97
CA CYS B 166 -20.44 2.78 -18.34
C CYS B 166 -20.38 2.96 -16.83
N LEU B 167 -21.55 3.13 -16.22
CA LEU B 167 -21.69 3.29 -14.78
C LEU B 167 -22.61 2.19 -14.25
N ILE B 168 -22.10 1.41 -13.31
CA ILE B 168 -22.87 0.38 -12.62
C ILE B 168 -23.12 0.87 -11.21
N GLN B 169 -24.39 0.88 -10.80
CA GLN B 169 -24.82 1.57 -9.61
C GLN B 169 -25.75 0.73 -8.76
N ASN B 170 -25.70 0.96 -7.45
CA ASN B 170 -26.64 0.43 -6.48
C ASN B 170 -26.73 -1.09 -6.54
N PHE B 171 -25.58 -1.74 -6.32
CA PHE B 171 -25.52 -3.19 -6.28
C PHE B 171 -24.84 -3.67 -5.00
N MET B 172 -25.32 -4.82 -4.52
CA MET B 172 -24.81 -5.48 -3.33
C MET B 172 -24.83 -7.00 -3.55
N PRO B 173 -23.82 -7.73 -3.04
CA PRO B 173 -22.65 -7.19 -2.37
C PRO B 173 -21.66 -6.63 -3.38
N GLU B 174 -20.44 -6.32 -2.97
CA GLU B 174 -19.48 -5.69 -3.86
C GLU B 174 -18.82 -6.67 -4.83
N ASP B 175 -19.38 -7.86 -4.98
CA ASP B 175 -18.96 -8.78 -6.03
C ASP B 175 -19.54 -8.34 -7.37
N ILE B 176 -18.67 -8.17 -8.38
CA ILE B 176 -19.13 -7.72 -9.69
C ILE B 176 -18.05 -7.94 -10.76
N SER B 177 -18.48 -8.21 -11.99
CA SER B 177 -17.56 -8.23 -13.13
C SER B 177 -18.23 -7.58 -14.33
N VAL B 178 -17.48 -6.82 -15.11
CA VAL B 178 -18.06 -6.02 -16.19
C VAL B 178 -17.43 -6.44 -17.52
N GLN B 179 -18.21 -6.31 -18.59
CA GLN B 179 -17.72 -6.62 -19.94
C GLN B 179 -18.42 -5.73 -20.95
N TRP B 180 -17.78 -5.60 -22.11
CA TRP B 180 -18.32 -4.86 -23.24
C TRP B 180 -18.48 -5.85 -24.38
N LEU B 181 -19.64 -5.82 -25.04
CA LEU B 181 -19.89 -6.67 -26.19
C LEU B 181 -20.13 -5.79 -27.41
N HIS B 182 -19.39 -6.07 -28.48
CA HIS B 182 -19.52 -5.38 -29.76
C HIS B 182 -19.99 -6.42 -30.77
N ASN B 183 -21.26 -6.30 -31.17
CA ASN B 183 -21.87 -7.22 -32.12
C ASN B 183 -21.72 -8.66 -31.63
N GLU B 184 -22.03 -8.87 -30.35
CA GLU B 184 -21.91 -10.17 -29.69
C GLU B 184 -20.50 -10.73 -29.83
N VAL B 185 -19.52 -9.92 -29.43
CA VAL B 185 -18.13 -10.36 -29.34
C VAL B 185 -17.57 -9.82 -28.03
N GLN B 186 -16.75 -10.63 -27.37
CA GLN B 186 -16.13 -10.22 -26.10
C GLN B 186 -14.81 -9.53 -26.42
N LEU B 187 -14.74 -8.23 -26.15
CA LEU B 187 -13.47 -7.55 -26.32
C LEU B 187 -12.55 -7.91 -25.16
N PRO B 188 -11.24 -7.97 -25.39
CA PRO B 188 -10.33 -8.39 -24.34
C PRO B 188 -10.46 -7.53 -23.09
N ASP B 189 -10.24 -8.16 -21.94
CA ASP B 189 -10.31 -7.45 -20.66
C ASP B 189 -9.41 -6.22 -20.66
N ALA B 190 -8.23 -6.33 -21.28
CA ALA B 190 -7.29 -5.21 -21.31
C ALA B 190 -7.86 -3.98 -22.01
N ARG B 191 -8.76 -4.18 -22.97
CA ARG B 191 -9.20 -3.07 -23.83
C ARG B 191 -9.95 -2.01 -23.02
N HIS B 192 -10.75 -2.42 -22.04
CA HIS B 192 -11.58 -1.50 -21.28
C HIS B 192 -11.00 -1.28 -19.90
N SER B 193 -10.81 -0.01 -19.52
CA SER B 193 -10.32 0.30 -18.20
C SER B 193 -11.49 0.39 -17.23
N THR B 194 -11.43 -0.37 -16.14
CA THR B 194 -12.51 -0.39 -15.18
C THR B 194 -11.99 0.00 -13.82
N THR B 195 -12.92 0.28 -12.91
CA THR B 195 -12.61 0.72 -11.56
C THR B 195 -13.15 -0.29 -10.57
N GLN B 196 -12.34 -0.61 -9.57
CA GLN B 196 -12.79 -1.51 -8.52
C GLN B 196 -13.93 -0.85 -7.73
N PRO B 197 -14.93 -1.62 -7.28
CA PRO B 197 -16.08 -1.02 -6.60
C PRO B 197 -15.69 -0.34 -5.30
N ARG B 198 -16.31 0.81 -5.05
CA ARG B 198 -16.17 1.53 -3.79
C ARG B 198 -17.55 1.92 -3.28
N LYS B 199 -17.71 1.92 -1.97
CA LYS B 199 -19.01 2.14 -1.37
C LYS B 199 -19.50 3.57 -1.62
N THR B 200 -20.74 3.68 -2.10
CA THR B 200 -21.34 4.99 -2.33
C THR B 200 -21.69 5.63 -0.99
N LYS B 201 -22.01 6.93 -1.06
CA LYS B 201 -22.44 7.64 0.15
C LYS B 201 -23.66 6.98 0.79
N GLY B 202 -24.57 6.46 -0.04
CA GLY B 202 -25.71 5.77 0.52
C GLY B 202 -25.50 4.27 0.65
N SER B 203 -26.27 3.48 -0.09
CA SER B 203 -26.23 2.03 -0.01
C SER B 203 -25.87 1.47 -1.38
N GLY B 204 -24.83 0.65 -1.42
CA GLY B 204 -24.39 0.02 -2.63
C GLY B 204 -23.03 0.51 -3.07
N PHE B 205 -22.65 0.09 -4.28
CA PHE B 205 -21.37 0.45 -4.86
C PHE B 205 -21.56 0.97 -6.28
N PHE B 206 -20.55 1.67 -6.79
CA PHE B 206 -20.57 2.17 -8.16
C PHE B 206 -19.25 1.87 -8.85
N VAL B 207 -19.33 1.50 -10.11
CA VAL B 207 -18.18 1.15 -10.93
C VAL B 207 -18.26 1.91 -12.26
N PHE B 208 -17.17 2.55 -12.64
CA PHE B 208 -17.05 3.19 -13.94
C PHE B 208 -16.10 2.41 -14.83
N SER B 209 -16.45 2.33 -16.10
CA SER B 209 -15.57 1.69 -17.08
C SER B 209 -15.54 2.53 -18.35
N ARG B 210 -14.35 2.64 -18.93
CA ARG B 210 -14.10 3.47 -20.11
C ARG B 210 -13.53 2.60 -21.22
N LEU B 211 -14.11 2.70 -22.40
CA LEU B 211 -13.67 1.97 -23.57
C LEU B 211 -13.51 2.94 -24.74
N GLU B 212 -12.53 2.69 -25.59
CA GLU B 212 -12.30 3.49 -26.78
C GLU B 212 -12.60 2.63 -28.02
N VAL B 213 -13.53 3.11 -28.86
CA VAL B 213 -13.99 2.34 -30.02
C VAL B 213 -13.19 2.74 -31.25
N THR B 214 -12.84 1.75 -32.07
CA THR B 214 -12.20 1.99 -33.35
C THR B 214 -13.25 2.43 -34.37
N ARG B 215 -12.80 3.14 -35.40
CA ARG B 215 -13.70 3.53 -36.48
C ARG B 215 -14.28 2.33 -37.19
N ALA B 216 -13.43 1.38 -37.57
CA ALA B 216 -13.88 0.22 -38.33
C ALA B 216 -14.81 -0.67 -37.50
N GLU B 217 -14.68 -0.63 -36.18
CA GLU B 217 -15.53 -1.48 -35.34
C GLU B 217 -16.98 -1.00 -35.37
N TRP B 218 -17.22 0.29 -35.13
CA TRP B 218 -18.59 0.79 -35.26
C TRP B 218 -19.02 0.89 -36.71
N GLU B 219 -18.06 0.91 -37.65
CA GLU B 219 -18.40 0.71 -39.05
C GLU B 219 -18.93 -0.71 -39.27
N GLN B 220 -18.41 -1.68 -38.52
CA GLN B 220 -18.87 -3.06 -38.62
C GLN B 220 -20.23 -3.24 -37.95
N LYS B 221 -20.38 -2.76 -36.72
CA LYS B 221 -21.65 -2.80 -36.02
C LYS B 221 -21.69 -1.60 -35.08
N ASP B 222 -22.87 -0.98 -34.95
CA ASP B 222 -22.96 0.33 -34.32
C ASP B 222 -23.53 0.31 -32.90
N GLU B 223 -24.12 -0.80 -32.45
CA GLU B 223 -24.63 -0.86 -31.09
C GLU B 223 -23.63 -1.62 -30.23
N PHE B 224 -23.23 -0.99 -29.12
CA PHE B 224 -22.27 -1.56 -28.19
C PHE B 224 -22.93 -1.71 -26.84
N ILE B 225 -22.79 -2.88 -26.22
CA ILE B 225 -23.56 -3.24 -25.04
C ILE B 225 -22.62 -3.34 -23.85
N CYS B 226 -22.95 -2.62 -22.79
CA CYS B 226 -22.21 -2.72 -21.54
C CYS B 226 -22.98 -3.69 -20.65
N ARG B 227 -22.32 -4.76 -20.22
CA ARG B 227 -22.98 -5.79 -19.44
C ARG B 227 -22.28 -5.96 -18.11
N ALA B 228 -23.08 -6.07 -17.05
CA ALA B 228 -22.59 -6.31 -15.70
C ALA B 228 -23.10 -7.66 -15.24
N VAL B 229 -22.17 -8.48 -14.73
CA VAL B 229 -22.49 -9.77 -14.14
C VAL B 229 -22.36 -9.62 -12.63
N HIS B 230 -23.40 -10.03 -11.93
CA HIS B 230 -23.52 -9.86 -10.49
C HIS B 230 -24.49 -10.90 -9.96
N GLU B 231 -24.27 -11.31 -8.71
CA GLU B 231 -25.13 -12.31 -8.10
C GLU B 231 -26.57 -11.82 -7.99
N ALA B 232 -26.76 -10.55 -7.64
CA ALA B 232 -28.11 -10.01 -7.50
C ALA B 232 -28.82 -9.89 -8.84
N ALA B 233 -28.09 -9.75 -9.94
CA ALA B 233 -28.73 -9.59 -11.23
C ALA B 233 -29.58 -10.82 -11.57
N SER B 234 -30.66 -10.59 -12.29
CA SER B 234 -31.55 -11.65 -12.72
C SER B 234 -32.21 -11.21 -14.02
N PRO B 235 -32.80 -12.16 -14.78
CA PRO B 235 -33.01 -13.60 -14.58
C PRO B 235 -31.71 -14.43 -14.51
N SER B 236 -30.77 -14.17 -15.41
CA SER B 236 -29.56 -14.97 -15.55
C SER B 236 -28.31 -14.22 -15.12
N GLN B 237 -28.41 -13.47 -14.02
CA GLN B 237 -27.28 -12.75 -13.44
C GLN B 237 -26.60 -11.80 -14.42
N THR B 238 -27.36 -11.23 -15.34
CA THR B 238 -26.84 -10.29 -16.31
C THR B 238 -27.72 -9.05 -16.35
N VAL B 239 -27.10 -7.88 -16.35
CA VAL B 239 -27.83 -6.64 -16.62
C VAL B 239 -27.09 -5.87 -17.70
N GLN B 240 -27.80 -5.47 -18.75
CA GLN B 240 -27.13 -4.81 -19.86
C GLN B 240 -27.98 -3.69 -20.43
N ARG B 241 -27.28 -2.66 -20.91
CA ARG B 241 -27.85 -1.60 -21.72
C ARG B 241 -26.85 -1.26 -22.82
N ALA B 242 -27.36 -0.89 -23.98
CA ALA B 242 -26.57 -0.61 -25.17
C ALA B 242 -26.61 0.86 -25.52
N VAL B 243 -25.54 1.31 -26.20
CA VAL B 243 -25.43 2.68 -26.67
C VAL B 243 -24.87 2.65 -28.09
N SER B 244 -25.42 3.54 -28.94
CA SER B 244 -24.92 3.74 -30.28
C SER B 244 -23.78 4.74 -30.25
N VAL B 245 -22.86 4.62 -31.21
CA VAL B 245 -21.70 5.49 -31.20
C VAL B 245 -22.11 6.93 -31.54
N ASN B 246 -23.04 7.10 -32.48
CA ASN B 246 -23.57 8.40 -32.87
C ASN B 246 -24.90 8.16 -33.58
N PRO B 247 -25.88 9.07 -33.45
CA PRO B 247 -27.19 8.76 -34.03
C PRO B 247 -27.24 9.01 -35.53
N GLN C 1 15.63 22.95 -13.91
CA GLN C 1 16.01 24.28 -13.48
C GLN C 1 17.16 24.23 -12.48
N VAL C 2 17.72 23.04 -12.29
CA VAL C 2 18.87 22.84 -11.41
C VAL C 2 20.07 22.38 -12.24
N GLN C 3 21.00 23.29 -12.50
CA GLN C 3 22.26 22.96 -13.14
C GLN C 3 23.42 23.40 -12.25
N LEU C 4 24.55 22.72 -12.37
CA LEU C 4 25.75 23.08 -11.63
C LEU C 4 26.92 23.28 -12.57
N VAL C 5 27.66 24.36 -12.34
CA VAL C 5 28.76 24.78 -13.22
C VAL C 5 30.05 24.37 -12.54
N GLN C 6 30.82 23.50 -13.19
CA GLN C 6 32.17 23.18 -12.75
C GLN C 6 33.17 24.13 -13.41
N SER C 7 34.40 24.10 -12.94
CA SER C 7 35.37 25.11 -13.36
C SER C 7 35.98 24.77 -14.72
N GLY C 8 36.43 25.81 -15.41
CA GLY C 8 37.09 25.62 -16.68
C GLY C 8 38.38 24.84 -16.54
N ALA C 9 38.61 23.95 -17.51
CA ALA C 9 39.81 23.13 -17.59
C ALA C 9 41.07 23.98 -17.57
N GLU C 10 42.10 23.47 -16.89
CA GLU C 10 43.36 24.19 -16.75
C GLU C 10 44.57 23.29 -16.96
N VAL C 11 45.67 23.94 -17.34
CA VAL C 11 46.94 23.27 -17.64
C VAL C 11 47.59 22.74 -16.36
N MET C 12 48.15 21.53 -16.43
CA MET C 12 48.83 20.95 -15.29
C MET C 12 50.01 20.09 -15.72
N LYS C 13 51.01 20.06 -14.85
CA LYS C 13 52.20 19.21 -14.91
C LYS C 13 52.45 18.71 -13.49
N PRO C 14 53.18 17.60 -13.34
CA PRO C 14 53.32 17.00 -12.00
C PRO C 14 53.85 17.96 -10.94
N GLY C 15 53.21 17.93 -9.78
CA GLY C 15 53.66 18.68 -8.61
C GLY C 15 53.14 20.09 -8.43
N SER C 16 52.04 20.47 -9.09
CA SER C 16 51.50 21.82 -8.98
C SER C 16 50.13 21.80 -8.30
N SER C 17 49.83 22.88 -7.58
CA SER C 17 48.53 23.03 -6.92
C SER C 17 47.41 23.17 -7.94
N VAL C 18 46.26 22.57 -7.64
CA VAL C 18 45.09 22.64 -8.51
C VAL C 18 43.86 23.03 -7.68
N LYS C 19 43.03 23.91 -8.24
CA LYS C 19 41.75 24.25 -7.63
C LYS C 19 40.69 24.19 -8.73
N VAL C 20 39.56 23.53 -8.43
CA VAL C 20 38.43 23.44 -9.34
C VAL C 20 37.17 23.81 -8.57
N SER C 21 36.32 24.63 -9.18
CA SER C 21 35.15 25.19 -8.53
C SER C 21 33.88 24.58 -9.11
N CYS C 22 33.01 24.10 -8.21
CA CYS C 22 31.69 23.59 -8.57
C CYS C 22 30.66 24.58 -8.03
N LYS C 23 29.86 25.16 -8.92
CA LYS C 23 28.87 26.15 -8.56
C LYS C 23 27.48 25.53 -8.63
N ALA C 24 26.62 25.93 -7.70
CA ALA C 24 25.29 25.33 -7.54
C ALA C 24 24.21 26.35 -7.87
N SER C 25 23.32 25.97 -8.77
CA SER C 25 22.17 26.78 -9.16
C SER C 25 20.94 25.90 -9.20
N GLY C 26 19.81 26.42 -8.70
CA GLY C 26 18.55 25.72 -8.73
C GLY C 26 18.19 25.00 -7.45
N TYR C 27 19.07 25.00 -6.45
CA TYR C 27 18.77 24.38 -5.17
C TYR C 27 19.59 25.08 -4.10
N THR C 28 19.09 25.02 -2.86
CA THR C 28 19.78 25.69 -1.76
C THR C 28 21.14 25.05 -1.53
N PHE C 29 22.19 25.84 -1.71
CA PHE C 29 23.55 25.32 -1.65
C PHE C 29 23.87 24.71 -0.30
N SER C 30 23.25 25.23 0.77
CA SER C 30 23.61 24.80 2.11
C SER C 30 23.07 23.42 2.44
N TRP C 31 21.91 23.05 1.90
CA TRP C 31 21.18 21.90 2.45
C TRP C 31 21.67 20.56 1.92
N TYR C 32 22.15 20.50 0.68
CA TYR C 32 22.51 19.23 0.06
C TYR C 32 24.00 18.98 0.16
N TRP C 33 24.37 17.75 0.47
CA TRP C 33 25.77 17.34 0.44
C TRP C 33 26.31 17.38 -0.97
N LEU C 34 27.49 17.96 -1.14
CA LEU C 34 28.21 17.95 -2.40
C LEU C 34 29.21 16.81 -2.37
N GLU C 35 29.56 16.30 -3.55
CA GLU C 35 30.46 15.16 -3.64
C GLU C 35 31.40 15.34 -4.83
N TRP C 36 32.53 14.66 -4.76
CA TRP C 36 33.55 14.69 -5.80
C TRP C 36 33.86 13.26 -6.19
N VAL C 37 33.80 12.98 -7.50
CA VAL C 37 34.02 11.65 -8.06
C VAL C 37 35.12 11.76 -9.10
N ARG C 38 35.91 10.72 -9.21
CA ARG C 38 37.04 10.69 -10.13
C ARG C 38 36.85 9.61 -11.17
N GLN C 39 36.93 9.98 -12.45
CA GLN C 39 36.95 9.02 -13.54
C GLN C 39 38.26 9.10 -14.28
N ALA C 40 39.01 7.99 -14.30
CA ALA C 40 40.24 8.04 -15.05
C ALA C 40 40.03 7.27 -16.33
N PRO C 41 40.51 7.79 -17.46
CA PRO C 41 40.33 7.08 -18.74
C PRO C 41 40.90 5.68 -18.68
N GLY C 42 40.02 4.71 -18.94
CA GLY C 42 40.35 3.30 -18.82
C GLY C 42 40.03 2.67 -17.49
N HIS C 43 39.49 3.43 -16.52
CA HIS C 43 39.15 2.92 -15.21
C HIS C 43 37.76 3.39 -14.82
N GLY C 44 36.97 2.50 -14.23
CA GLY C 44 35.66 2.87 -13.75
C GLY C 44 35.71 3.95 -12.69
N LEU C 45 34.60 4.70 -12.59
CA LEU C 45 34.46 5.80 -11.64
C LEU C 45 34.76 5.36 -10.22
N GLU C 46 35.54 6.18 -9.51
CA GLU C 46 35.92 5.86 -8.15
C GLU C 46 35.64 7.04 -7.23
N TRP C 47 35.23 6.73 -6.00
CA TRP C 47 34.86 7.74 -5.01
C TRP C 47 36.06 8.59 -4.62
N MET C 48 35.89 9.92 -4.70
CA MET C 48 36.93 10.85 -4.27
C MET C 48 36.64 11.56 -2.95
N GLY C 49 35.40 11.93 -2.68
CA GLY C 49 35.06 12.45 -1.37
C GLY C 49 33.72 13.18 -1.38
N GLU C 50 33.44 13.84 -0.25
CA GLU C 50 32.21 14.63 -0.13
C GLU C 50 32.37 15.70 0.94
N ILE C 51 31.49 16.69 0.89
CA ILE C 51 31.54 17.85 1.76
C ILE C 51 30.13 18.37 2.00
N ASP C 52 29.85 18.81 3.22
CA ASP C 52 28.59 19.47 3.54
C ASP C 52 28.85 20.94 3.77
N PRO C 53 28.28 21.85 2.98
CA PRO C 53 28.48 23.28 3.24
C PRO C 53 27.67 23.82 4.40
N GLY C 54 26.55 23.19 4.75
CA GLY C 54 25.74 23.66 5.87
C GLY C 54 26.49 23.62 7.17
N THR C 55 27.21 22.53 7.42
CA THR C 55 28.01 22.35 8.63
C THR C 55 29.50 22.46 8.35
N PHE C 56 29.91 22.60 7.10
CA PHE C 56 31.32 22.68 6.70
C PHE C 56 32.11 21.44 7.12
N THR C 57 31.40 20.34 7.39
CA THR C 57 32.08 19.09 7.66
C THR C 57 32.58 18.47 6.36
N THR C 58 33.56 17.59 6.48
CA THR C 58 34.23 17.04 5.31
C THR C 58 34.48 15.55 5.50
N ASN C 59 34.43 14.79 4.39
CA ASN C 59 34.75 13.38 4.38
C ASN C 59 35.69 13.11 3.21
N TYR C 60 36.55 12.10 3.35
CA TYR C 60 37.57 11.83 2.35
C TYR C 60 37.69 10.33 2.10
N ASN C 61 38.13 10.00 0.89
CA ASN C 61 38.42 8.62 0.53
C ASN C 61 39.72 8.18 1.19
N GLU C 62 39.88 6.86 1.31
CA GLU C 62 41.05 6.28 1.97
C GLU C 62 42.36 6.79 1.37
N LYS C 63 42.47 6.77 0.04
CA LYS C 63 43.72 7.15 -0.61
C LYS C 63 43.83 8.63 -0.91
N PHE C 64 42.72 9.32 -1.18
CA PHE C 64 42.77 10.73 -1.55
C PHE C 64 42.68 11.67 -0.36
N LYS C 65 42.56 11.14 0.86
CA LYS C 65 42.35 11.96 2.05
C LYS C 65 43.42 13.04 2.19
N ALA C 66 44.68 12.63 2.14
CA ALA C 66 45.77 13.57 2.36
C ALA C 66 46.05 14.41 1.12
N ARG C 67 45.79 13.85 -0.06
CA ARG C 67 46.05 14.58 -1.30
C ARG C 67 45.01 15.68 -1.49
N VAL C 68 43.75 15.37 -1.24
CA VAL C 68 42.63 16.23 -1.59
C VAL C 68 42.36 17.24 -0.50
N THR C 69 41.74 18.37 -0.89
CA THR C 69 41.30 19.42 0.02
C THR C 69 39.91 19.87 -0.40
N PHE C 70 38.98 19.95 0.55
CA PHE C 70 37.60 20.32 0.29
C PHE C 70 37.21 21.57 1.06
N THR C 71 36.52 22.48 0.38
CA THR C 71 35.92 23.65 1.03
C THR C 71 34.75 24.12 0.18
N ALA C 72 33.98 25.03 0.76
CA ALA C 72 32.80 25.60 0.10
C ALA C 72 32.63 27.05 0.54
N ASP C 73 31.85 27.80 -0.25
CA ASP C 73 31.53 29.18 0.06
C ASP C 73 30.01 29.35 0.02
N THR C 74 29.44 29.76 1.15
CA THR C 74 27.99 29.82 1.31
C THR C 74 27.37 31.05 0.66
N SER C 75 28.02 32.21 0.74
CA SER C 75 27.38 33.46 0.30
C SER C 75 27.05 33.43 -1.19
N THR C 76 28.02 33.07 -2.02
CA THR C 76 27.82 32.98 -3.46
C THR C 76 27.25 31.64 -3.90
N SER C 77 27.06 30.70 -2.97
CA SER C 77 26.60 29.35 -3.29
C SER C 77 27.56 28.62 -4.22
N THR C 78 28.86 28.79 -3.99
CA THR C 78 29.88 28.13 -4.80
C THR C 78 30.75 27.27 -3.90
N ALA C 79 31.17 26.11 -4.41
CA ALA C 79 32.08 25.23 -3.69
C ALA C 79 33.20 24.80 -4.63
N TYR C 80 34.42 24.82 -4.13
CA TYR C 80 35.57 24.43 -4.95
C TYR C 80 36.35 23.32 -4.26
N MET C 81 37.07 22.55 -5.06
CA MET C 81 37.93 21.48 -4.60
C MET C 81 39.36 21.77 -5.02
N GLU C 82 40.28 21.53 -4.10
CA GLU C 82 41.71 21.73 -4.34
C GLU C 82 42.42 20.41 -4.09
N LEU C 83 43.54 20.22 -4.78
CA LEU C 83 44.29 18.98 -4.66
C LEU C 83 45.77 19.28 -4.83
N SER C 84 46.59 18.42 -4.24
CA SER C 84 48.03 18.54 -4.31
C SER C 84 48.61 17.16 -4.60
N SER C 85 49.94 17.08 -4.69
CA SER C 85 50.67 15.85 -5.01
C SER C 85 50.31 15.37 -6.41
N LEU C 86 50.02 16.29 -7.31
CA LEU C 86 49.54 15.93 -8.64
C LEU C 86 50.59 15.15 -9.41
N ARG C 87 50.14 14.09 -10.07
CA ARG C 87 50.98 13.32 -10.99
C ARG C 87 50.19 13.06 -12.27
N SER C 88 50.92 12.94 -13.38
CA SER C 88 50.28 12.54 -14.63
C SER C 88 49.68 11.14 -14.50
N GLU C 89 50.25 10.32 -13.62
CA GLU C 89 49.64 9.03 -13.30
C GLU C 89 48.21 9.20 -12.81
N ASP C 90 47.93 10.34 -12.16
CA ASP C 90 46.61 10.71 -11.65
C ASP C 90 45.82 11.52 -12.65
N THR C 91 46.01 11.27 -13.95
CA THR C 91 45.24 11.97 -14.99
C THR C 91 43.84 11.38 -15.08
N ALA C 92 42.84 12.25 -15.01
CA ALA C 92 41.45 11.84 -14.88
C ALA C 92 40.56 13.07 -15.04
N VAL C 93 39.27 12.82 -15.24
CA VAL C 93 38.27 13.86 -15.25
C VAL C 93 37.44 13.71 -13.99
N TYR C 94 37.20 14.82 -13.31
CA TYR C 94 36.53 14.78 -12.01
C TYR C 94 35.15 15.39 -12.18
N TYR C 95 34.13 14.62 -11.88
CA TYR C 95 32.76 15.07 -11.98
C TYR C 95 32.24 15.39 -10.59
N CYS C 96 31.74 16.61 -10.43
CA CYS C 96 31.22 17.08 -9.16
C CYS C 96 29.78 16.63 -8.98
N ALA C 97 29.45 16.18 -7.76
CA ALA C 97 28.17 15.54 -7.51
C ALA C 97 27.42 16.19 -6.35
N ARG C 98 26.09 16.19 -6.47
CA ARG C 98 25.17 16.55 -5.40
C ARG C 98 24.62 15.28 -4.76
N PHE C 99 24.02 15.41 -3.57
CA PHE C 99 23.54 14.26 -2.83
C PHE C 99 22.05 14.43 -2.49
N SER C 100 21.20 14.29 -3.49
CA SER C 100 19.78 14.08 -3.23
C SER C 100 19.56 12.64 -2.79
N HIS C 101 18.73 12.46 -1.76
CA HIS C 101 18.84 11.22 -1.01
C HIS C 101 17.58 10.91 -0.21
N PHE C 102 17.43 9.62 0.08
CA PHE C 102 16.46 9.08 1.04
C PHE C 102 17.27 8.28 2.07
N SER C 103 17.26 8.73 3.32
CA SER C 103 18.04 8.15 4.42
C SER C 103 19.55 8.38 4.22
N GLY C 104 20.37 7.39 4.56
CA GLY C 104 21.82 7.56 4.69
C GLY C 104 22.65 7.83 3.46
N SER C 105 22.55 6.97 2.44
CA SER C 105 23.37 7.10 1.23
C SER C 105 22.46 6.77 0.05
N ASN C 106 22.71 7.40 -1.09
CA ASN C 106 21.76 7.28 -2.21
C ASN C 106 22.42 7.74 -3.50
N TYR C 107 21.58 7.87 -4.53
CA TYR C 107 21.94 8.31 -5.85
C TYR C 107 22.30 9.80 -5.84
N ASP C 108 22.80 10.27 -6.99
CA ASP C 108 23.28 11.63 -7.13
C ASP C 108 22.71 12.29 -8.38
N TYR C 109 22.54 13.61 -8.30
CA TYR C 109 22.04 14.47 -9.37
C TYR C 109 23.07 15.56 -9.63
N PHE C 110 23.77 15.49 -10.75
CA PHE C 110 24.93 16.36 -10.89
C PHE C 110 25.27 16.64 -12.34
N ASP C 111 25.90 17.78 -12.57
CA ASP C 111 26.49 18.11 -13.85
C ASP C 111 28.00 17.91 -13.77
N TYR C 112 28.69 18.17 -14.89
CA TYR C 112 30.04 17.62 -15.07
C TYR C 112 30.82 18.52 -16.04
N TRP C 113 31.58 19.48 -15.50
CA TRP C 113 32.36 20.39 -16.33
C TRP C 113 33.75 20.55 -15.75
N GLY C 114 34.35 19.47 -15.25
CA GLY C 114 35.67 19.55 -14.66
C GLY C 114 36.60 18.45 -15.11
N GLN C 115 37.70 18.82 -15.75
CA GLN C 115 38.69 17.88 -16.22
C GLN C 115 40.08 18.32 -15.79
N GLY C 116 40.86 17.38 -15.27
CA GLY C 116 42.24 17.65 -14.89
C GLY C 116 43.25 16.92 -15.76
N THR C 117 44.03 17.67 -16.54
CA THR C 117 45.08 17.11 -17.39
C THR C 117 46.03 16.20 -16.62
N GLU C 144 38.03 -2.16 -2.22
CA GLU C 144 37.17 -1.11 -1.70
C GLU C 144 35.69 -1.36 -2.02
N ILE C 145 35.16 -2.50 -1.55
CA ILE C 145 33.78 -2.96 -1.74
C ILE C 145 33.27 -2.67 -3.16
N VAL C 146 34.07 -3.04 -4.17
CA VAL C 146 33.76 -2.79 -5.57
C VAL C 146 33.12 -4.04 -6.17
N MET C 147 32.31 -3.83 -7.20
CA MET C 147 31.53 -4.85 -7.88
C MET C 147 32.21 -5.28 -9.17
N THR C 148 31.56 -6.20 -9.89
CA THR C 148 32.01 -6.71 -11.18
C THR C 148 31.10 -6.14 -12.26
N GLN C 149 31.69 -5.54 -13.28
CA GLN C 149 30.92 -4.93 -14.37
C GLN C 149 31.01 -5.84 -15.57
N SER C 150 29.85 -6.24 -16.09
CA SER C 150 29.81 -7.24 -17.14
C SER C 150 28.51 -7.11 -17.92
N PRO C 151 28.50 -7.47 -19.22
CA PRO C 151 29.72 -7.71 -20.00
C PRO C 151 30.48 -6.39 -20.17
N ALA C 152 31.79 -6.47 -20.42
CA ALA C 152 32.62 -5.27 -20.31
C ALA C 152 32.22 -4.21 -21.33
N THR C 153 32.09 -4.59 -22.59
CA THR C 153 31.79 -3.59 -23.62
C THR C 153 31.10 -4.27 -24.80
N LEU C 154 30.11 -3.58 -25.37
CA LEU C 154 29.41 -4.06 -26.55
C LEU C 154 28.97 -2.88 -27.40
N SER C 155 29.37 -2.85 -28.66
CA SER C 155 29.06 -1.75 -29.56
C SER C 155 27.63 -1.90 -30.08
N VAL C 156 27.22 -0.95 -30.94
CA VAL C 156 25.83 -0.86 -31.35
C VAL C 156 25.38 -2.13 -32.06
N SER C 157 24.21 -2.62 -31.67
CA SER C 157 23.55 -3.72 -32.38
C SER C 157 22.05 -3.46 -32.34
N PRO C 158 21.49 -2.92 -33.42
CA PRO C 158 20.10 -2.45 -33.38
C PRO C 158 19.07 -3.59 -33.37
N GLY C 159 17.98 -3.36 -32.62
CA GLY C 159 16.82 -4.23 -32.60
C GLY C 159 16.84 -5.39 -31.63
N GLU C 160 17.96 -5.62 -30.95
CA GLU C 160 18.10 -6.74 -30.04
C GLU C 160 18.08 -6.24 -28.61
N ARG C 161 17.36 -6.96 -27.74
CA ARG C 161 17.35 -6.61 -26.33
C ARG C 161 18.75 -6.75 -25.76
N ALA C 162 19.14 -5.77 -24.95
CA ALA C 162 20.48 -5.73 -24.38
C ALA C 162 20.40 -5.72 -22.87
N THR C 163 21.15 -6.63 -22.25
CA THR C 163 21.15 -6.79 -20.80
C THR C 163 22.55 -6.52 -20.28
N LEU C 164 22.64 -5.69 -19.25
CA LEU C 164 23.90 -5.36 -18.60
C LEU C 164 23.85 -5.91 -17.18
N SER C 165 24.90 -6.59 -16.76
CA SER C 165 24.91 -7.31 -15.49
C SER C 165 25.88 -6.64 -14.51
N CYS C 166 25.43 -6.48 -13.27
CA CYS C 166 26.30 -5.94 -12.24
C CYS C 166 26.13 -6.76 -10.96
N ARG C 167 27.25 -7.25 -10.42
CA ARG C 167 27.26 -8.02 -9.19
C ARG C 167 28.32 -7.46 -8.27
N ALA C 168 27.98 -7.33 -6.99
CA ALA C 168 28.85 -6.70 -6.01
C ALA C 168 29.41 -7.73 -5.05
N SER C 169 30.58 -7.40 -4.49
CA SER C 169 31.31 -8.32 -3.64
C SER C 169 30.52 -8.68 -2.39
N GLN C 170 29.88 -7.70 -1.77
CA GLN C 170 29.03 -7.91 -0.60
C GLN C 170 27.58 -7.72 -1.03
N SER C 171 26.69 -8.60 -0.56
CA SER C 171 25.28 -8.50 -0.93
C SER C 171 24.76 -7.11 -0.62
N ILE C 172 24.12 -6.50 -1.63
CA ILE C 172 23.70 -5.10 -1.56
C ILE C 172 22.21 -4.97 -1.30
N GLY C 173 21.47 -6.08 -1.27
CA GLY C 173 20.03 -5.95 -1.18
C GLY C 173 19.53 -5.36 -2.48
N THR C 174 18.89 -4.19 -2.40
CA THR C 174 18.43 -3.46 -3.57
C THR C 174 18.99 -2.04 -3.65
N ASN C 175 20.01 -1.70 -2.86
CA ASN C 175 20.55 -0.33 -2.79
C ASN C 175 21.60 -0.11 -3.86
N ILE C 176 21.14 0.05 -5.11
CA ILE C 176 22.01 0.19 -6.27
C ILE C 176 21.38 1.19 -7.23
N HIS C 177 22.20 1.81 -8.07
CA HIS C 177 21.72 2.84 -8.99
C HIS C 177 22.41 2.73 -10.35
N TRP C 178 21.73 3.20 -11.38
CA TRP C 178 22.22 3.15 -12.76
C TRP C 178 22.35 4.56 -13.33
N TYR C 179 23.52 4.86 -13.88
CA TYR C 179 23.81 6.16 -14.49
C TYR C 179 24.13 5.98 -15.97
N GLN C 180 23.84 7.00 -16.77
CA GLN C 180 24.17 7.01 -18.19
C GLN C 180 24.97 8.27 -18.51
N GLN C 181 26.21 8.10 -18.98
CA GLN C 181 27.04 9.22 -19.39
C GLN C 181 27.25 9.15 -20.90
N LYS C 182 26.58 10.05 -21.62
CA LYS C 182 26.87 10.22 -23.03
C LYS C 182 28.24 10.87 -23.18
N PRO C 183 28.98 10.56 -24.24
CA PRO C 183 30.38 10.99 -24.33
C PRO C 183 30.51 12.51 -24.32
N GLY C 184 31.25 13.02 -23.34
CA GLY C 184 31.48 14.43 -23.19
C GLY C 184 30.53 15.16 -22.29
N GLN C 185 29.58 14.47 -21.66
CA GLN C 185 28.57 15.11 -20.84
C GLN C 185 28.56 14.48 -19.45
N ALA C 186 27.63 14.95 -18.61
CA ALA C 186 27.48 14.43 -17.26
C ALA C 186 26.78 13.08 -17.29
N PRO C 187 27.17 12.15 -16.43
CA PRO C 187 26.33 10.96 -16.20
C PRO C 187 24.96 11.39 -15.73
N ARG C 188 23.94 10.86 -16.40
CA ARG C 188 22.56 11.17 -16.07
C ARG C 188 21.93 9.95 -15.43
N LEU C 189 21.34 10.14 -14.26
CA LEU C 189 20.70 9.05 -13.53
C LEU C 189 19.56 8.47 -14.34
N LEU C 190 19.58 7.15 -14.52
CA LEU C 190 18.54 6.43 -15.26
C LEU C 190 17.60 5.66 -14.35
N ILE C 191 18.12 4.79 -13.49
CA ILE C 191 17.31 3.97 -12.59
C ILE C 191 17.86 4.13 -11.17
N TYR C 192 16.96 4.35 -10.21
CA TYR C 192 17.32 4.44 -8.80
C TYR C 192 16.77 3.24 -8.07
N TYR C 193 17.65 2.54 -7.36
CA TYR C 193 17.33 1.33 -6.60
C TYR C 193 17.07 0.16 -7.52
N ALA C 194 17.43 0.29 -8.80
CA ALA C 194 17.46 -0.85 -9.71
C ALA C 194 16.10 -1.30 -10.16
N SER C 195 15.05 -0.72 -9.59
CA SER C 195 13.71 -1.16 -9.94
C SER C 195 12.96 -0.12 -10.73
N GLU C 196 12.89 1.10 -10.21
CA GLU C 196 12.05 2.12 -10.79
C GLU C 196 12.90 3.21 -11.45
N SER C 197 12.42 3.70 -12.58
CA SER C 197 13.12 4.65 -13.42
C SER C 197 12.71 6.10 -13.13
N ILE C 198 13.68 7.00 -13.26
CA ILE C 198 13.41 8.42 -13.10
C ILE C 198 12.58 8.93 -14.28
N SER C 199 11.74 9.94 -14.00
CA SER C 199 10.86 10.49 -15.00
C SER C 199 11.62 10.95 -16.23
N GLY C 200 10.90 11.01 -17.34
CA GLY C 200 11.46 11.40 -18.60
C GLY C 200 12.13 10.29 -19.39
N ILE C 201 12.46 9.19 -18.74
CA ILE C 201 13.13 8.06 -19.38
C ILE C 201 12.11 7.22 -20.12
N PRO C 202 12.40 6.77 -21.35
CA PRO C 202 11.48 5.88 -22.05
C PRO C 202 11.29 4.56 -21.30
N ALA C 203 10.09 4.00 -21.41
CA ALA C 203 9.75 2.80 -20.65
C ALA C 203 10.53 1.56 -21.10
N ARG C 204 11.33 1.66 -22.16
CA ARG C 204 12.08 0.48 -22.61
C ARG C 204 13.15 0.09 -21.59
N PHE C 205 13.79 1.07 -20.97
CA PHE C 205 14.77 0.77 -19.93
C PHE C 205 14.06 0.23 -18.70
N SER C 206 14.49 -0.93 -18.22
CA SER C 206 13.94 -1.54 -17.03
C SER C 206 15.05 -2.26 -16.29
N GLY C 207 14.99 -2.20 -14.96
CA GLY C 207 15.97 -2.84 -14.11
C GLY C 207 15.30 -3.81 -13.15
N SER C 208 16.01 -4.86 -12.81
CA SER C 208 15.50 -5.84 -11.85
C SER C 208 16.67 -6.57 -11.21
N GLY C 209 16.42 -7.12 -10.03
CA GLY C 209 17.43 -7.88 -9.32
C GLY C 209 17.23 -7.81 -7.82
N SER C 210 18.02 -8.62 -7.11
CA SER C 210 17.97 -8.70 -5.67
C SER C 210 19.28 -9.29 -5.17
N GLY C 211 19.56 -9.07 -3.89
CA GLY C 211 20.76 -9.62 -3.29
C GLY C 211 22.01 -9.06 -3.94
N THR C 212 22.85 -9.96 -4.46
CA THR C 212 24.10 -9.57 -5.09
C THR C 212 23.99 -9.31 -6.59
N GLU C 213 22.96 -9.85 -7.24
CA GLU C 213 22.83 -9.80 -8.70
C GLU C 213 21.84 -8.72 -9.11
N PHE C 214 22.11 -8.09 -10.26
CA PHE C 214 21.22 -7.08 -10.81
C PHE C 214 21.32 -7.09 -12.33
N THR C 215 20.20 -6.79 -12.99
CA THR C 215 20.11 -6.81 -14.44
C THR C 215 19.38 -5.57 -14.94
N LEU C 216 19.96 -4.92 -15.95
CA LEU C 216 19.32 -3.79 -16.64
C LEU C 216 18.94 -4.28 -18.03
N THR C 217 17.66 -4.18 -18.36
CA THR C 217 17.14 -4.70 -19.62
C THR C 217 16.60 -3.56 -20.47
N ILE C 218 17.10 -3.49 -21.71
CA ILE C 218 16.59 -2.60 -22.72
C ILE C 218 15.75 -3.43 -23.68
N SER C 219 14.43 -3.20 -23.70
CA SER C 219 13.56 -4.03 -24.53
C SER C 219 13.99 -3.98 -26.00
N SER C 220 14.20 -2.77 -26.54
CA SER C 220 14.73 -2.59 -27.88
C SER C 220 15.88 -1.60 -27.81
N LEU C 221 16.98 -1.92 -28.49
CA LEU C 221 18.16 -1.08 -28.45
C LEU C 221 18.16 -0.20 -29.70
N GLN C 222 18.31 1.10 -29.49
CA GLN C 222 18.30 2.08 -30.56
C GLN C 222 19.54 2.96 -30.49
N SER C 223 20.08 3.29 -31.65
CA SER C 223 21.23 4.18 -31.74
C SER C 223 20.95 5.55 -31.14
N GLU C 224 19.68 5.88 -30.90
CA GLU C 224 19.34 7.17 -30.32
C GLU C 224 19.99 7.36 -28.95
N ASP C 225 19.99 6.32 -28.12
CA ASP C 225 20.62 6.37 -26.80
C ASP C 225 21.85 5.46 -26.80
N PHE C 226 23.03 6.07 -26.91
CA PHE C 226 24.31 5.39 -26.86
C PHE C 226 25.21 6.09 -25.87
N ALA C 227 25.80 5.32 -24.95
CA ALA C 227 26.56 5.89 -23.85
C ALA C 227 27.20 4.79 -23.01
N VAL C 228 27.92 5.19 -21.96
CA VAL C 228 28.44 4.27 -20.95
C VAL C 228 27.45 4.20 -19.79
N TYR C 229 27.27 2.99 -19.25
CA TYR C 229 26.37 2.75 -18.13
C TYR C 229 27.19 2.24 -16.95
N TYR C 230 27.10 2.93 -15.82
CA TYR C 230 27.92 2.65 -14.64
C TYR C 230 27.05 2.17 -13.49
N CYS C 231 27.55 1.17 -12.77
CA CYS C 231 26.88 0.62 -11.61
C CYS C 231 27.20 1.47 -10.37
N GLN C 232 26.22 1.64 -9.47
CA GLN C 232 26.40 2.39 -8.24
C GLN C 232 26.02 1.58 -7.01
N GLN C 233 26.84 1.65 -5.97
CA GLN C 233 26.57 0.95 -4.71
C GLN C 233 26.72 1.93 -3.55
N SER C 234 25.64 2.09 -2.78
CA SER C 234 25.64 2.96 -1.61
C SER C 234 25.59 2.20 -0.30
N TRP C 235 25.62 0.86 -0.35
CA TRP C 235 25.42 0.05 0.85
C TRP C 235 26.44 0.38 1.93
N SER C 236 27.71 0.47 1.55
CA SER C 236 28.78 0.75 2.50
C SER C 236 29.79 1.68 1.84
N TRP C 237 30.71 2.19 2.67
CA TRP C 237 31.75 3.15 2.37
C TRP C 237 33.08 2.45 2.10
N PRO C 238 33.82 2.94 1.10
CA PRO C 238 33.42 4.06 0.24
C PRO C 238 32.45 3.62 -0.87
N THR C 239 31.73 4.59 -1.46
CA THR C 239 30.81 4.26 -2.54
C THR C 239 31.59 3.80 -3.75
N THR C 240 31.03 2.85 -4.49
CA THR C 240 31.75 2.22 -5.58
C THR C 240 30.95 2.34 -6.88
N PHE C 241 31.68 2.25 -7.99
CA PHE C 241 31.08 2.26 -9.30
C PHE C 241 31.63 1.11 -10.12
N GLY C 242 30.77 0.55 -10.96
CA GLY C 242 31.20 -0.53 -11.84
C GLY C 242 32.17 -0.04 -12.89
N GLY C 243 32.83 -1.01 -13.53
CA GLY C 243 33.70 -0.69 -14.63
C GLY C 243 32.99 0.01 -15.77
N GLY C 244 31.73 -0.31 -15.98
CA GLY C 244 30.93 0.34 -16.99
C GLY C 244 30.77 -0.50 -18.24
N THR C 245 29.75 -0.17 -19.02
CA THR C 245 29.47 -0.83 -20.30
C THR C 245 29.10 0.25 -21.31
N LYS C 246 29.89 0.38 -22.37
CA LYS C 246 29.57 1.36 -23.40
C LYS C 246 28.89 0.67 -24.58
N VAL C 247 28.02 1.42 -25.25
CA VAL C 247 27.25 0.85 -26.35
C VAL C 247 27.44 1.70 -27.61
N ARG D 36 13.67 -0.94 2.78
CA ARG D 36 13.66 -1.29 4.19
C ARG D 36 13.95 -0.06 5.06
N GLY D 37 13.33 1.05 4.70
CA GLY D 37 13.56 2.32 5.37
C GLY D 37 12.32 3.18 5.30
N VAL D 38 12.27 4.15 6.22
CA VAL D 38 11.10 5.01 6.26
C VAL D 38 11.16 5.93 5.04
N SER D 39 9.99 6.20 4.48
CA SER D 39 9.91 7.07 3.32
C SER D 39 8.85 8.12 3.57
N ALA D 40 8.89 9.15 2.73
CA ALA D 40 8.01 10.30 2.86
C ALA D 40 7.63 10.72 1.46
N TYR D 41 6.43 11.28 1.33
CA TYR D 41 5.96 11.72 0.03
C TYR D 41 5.59 13.19 0.07
N LEU D 42 5.77 13.83 -1.07
CA LEU D 42 5.47 15.25 -1.25
C LEU D 42 4.48 15.41 -2.39
N SER D 43 3.52 16.32 -2.22
CA SER D 43 2.49 16.57 -3.22
C SER D 43 2.63 17.99 -3.78
N ARG D 44 2.02 18.19 -4.90
CA ARG D 44 2.01 19.43 -5.64
C ARG D 44 0.67 20.14 -5.40
N PRO D 45 0.61 21.46 -5.54
CA PRO D 45 -0.66 22.14 -5.27
C PRO D 45 -1.69 21.83 -6.34
N SER D 46 -2.95 21.72 -5.93
CA SER D 46 -4.01 21.42 -6.87
C SER D 46 -4.34 22.67 -7.69
N PRO D 47 -4.82 22.48 -8.92
CA PRO D 47 -5.11 23.65 -9.77
C PRO D 47 -6.25 24.51 -9.27
N PHE D 48 -7.23 23.93 -8.56
CA PHE D 48 -8.33 24.75 -8.05
C PHE D 48 -7.84 25.68 -6.94
N ASP D 49 -6.99 25.18 -6.05
CA ASP D 49 -6.38 26.03 -5.04
C ASP D 49 -5.42 27.04 -5.65
N LEU D 50 -4.93 26.79 -6.87
CA LEU D 50 -3.95 27.66 -7.52
C LEU D 50 -4.64 28.80 -8.28
N PHE D 51 -5.60 28.47 -9.14
CA PHE D 51 -6.19 29.44 -10.05
C PHE D 51 -7.49 30.06 -9.54
N ILE D 52 -8.31 29.33 -8.78
CA ILE D 52 -9.61 29.83 -8.38
C ILE D 52 -9.53 30.30 -6.94
N ARG D 53 -9.14 29.39 -6.04
CA ARG D 53 -8.92 29.78 -4.64
C ARG D 53 -7.77 30.76 -4.49
N LYS D 54 -6.76 30.65 -5.35
CA LYS D 54 -5.56 31.46 -5.39
C LYS D 54 -4.67 31.23 -4.16
N SER D 55 -4.96 30.19 -3.39
CA SER D 55 -4.16 29.78 -2.23
C SER D 55 -3.71 28.35 -2.46
N PRO D 56 -2.47 28.12 -2.86
CA PRO D 56 -2.04 26.75 -3.16
C PRO D 56 -1.62 26.00 -1.91
N THR D 57 -1.97 24.72 -1.88
CA THR D 57 -1.69 23.87 -0.74
C THR D 57 -0.54 22.96 -1.12
N ILE D 58 0.56 23.06 -0.38
CA ILE D 58 1.71 22.20 -0.55
C ILE D 58 1.77 21.28 0.64
N THR D 59 1.85 19.98 0.40
CA THR D 59 1.84 19.02 1.49
C THR D 59 3.11 18.18 1.42
N CYS D 60 3.88 18.19 2.51
CA CYS D 60 5.03 17.31 2.68
C CYS D 60 4.69 16.40 3.85
N LEU D 61 4.64 15.10 3.60
CA LEU D 61 4.21 14.16 4.63
C LEU D 61 5.22 13.04 4.76
N VAL D 62 5.31 12.50 5.97
CA VAL D 62 6.20 11.41 6.29
C VAL D 62 5.33 10.27 6.79
N VAL D 63 5.74 9.04 6.53
CA VAL D 63 4.89 7.89 6.82
C VAL D 63 5.71 6.73 7.38
N ASP D 64 5.00 5.80 8.01
CA ASP D 64 5.47 4.56 8.64
C ASP D 64 6.54 4.80 9.69
N LEU D 65 6.73 6.05 10.10
CA LEU D 65 7.68 6.37 11.16
C LEU D 65 7.35 5.57 12.40
N ALA D 66 8.30 4.77 12.84
CA ALA D 66 8.14 4.04 14.08
C ALA D 66 8.09 5.05 15.21
N PRO D 67 7.03 5.09 16.02
CA PRO D 67 6.90 6.15 17.03
C PRO D 67 8.08 6.15 17.98
N SER D 68 8.62 7.35 18.21
CA SER D 68 9.80 7.51 19.03
C SER D 68 9.73 8.85 19.72
N LYS D 69 10.48 8.98 20.81
CA LYS D 69 10.51 10.25 21.54
C LYS D 69 11.32 11.30 20.80
N GLY D 70 12.02 10.90 19.73
CA GLY D 70 12.74 11.86 18.91
C GLY D 70 11.77 12.77 18.18
N THR D 71 12.03 14.07 18.22
CA THR D 71 11.21 15.02 17.49
C THR D 71 11.70 15.11 16.06
N VAL D 72 10.75 15.13 15.12
CA VAL D 72 11.07 15.21 13.71
C VAL D 72 10.94 16.67 13.30
N ASN D 73 11.96 17.20 12.64
CA ASN D 73 11.96 18.60 12.29
C ASN D 73 11.78 18.73 10.79
N LEU D 74 10.79 19.52 10.40
CA LEU D 74 10.45 19.75 9.01
C LEU D 74 10.73 21.21 8.70
N THR D 75 11.63 21.45 7.76
CA THR D 75 11.96 22.80 7.35
C THR D 75 11.70 22.94 5.85
N TRP D 76 11.63 24.18 5.40
CA TRP D 76 11.33 24.46 4.01
C TRP D 76 12.28 25.51 3.48
N SER D 77 12.55 25.44 2.18
CA SER D 77 13.27 26.53 1.53
C SER D 77 12.93 26.50 0.04
N ARG D 78 13.27 27.58 -0.64
CA ARG D 78 13.11 27.66 -2.08
C ARG D 78 14.46 27.86 -2.75
N ALA D 79 14.48 27.60 -4.06
CA ALA D 79 15.73 27.54 -4.81
C ALA D 79 16.45 28.87 -4.80
N SER D 80 15.71 29.99 -4.83
CA SER D 80 16.36 31.29 -4.88
C SER D 80 17.05 31.66 -3.57
N GLY D 81 16.89 30.85 -2.52
CA GLY D 81 17.50 31.10 -1.23
C GLY D 81 17.00 32.37 -0.57
N LYS D 82 15.92 32.92 -1.09
CA LYS D 82 15.30 34.14 -0.61
C LYS D 82 14.08 33.80 0.26
N PRO D 83 13.50 34.79 0.97
CA PRO D 83 12.59 34.44 2.08
C PRO D 83 11.42 33.56 1.68
N VAL D 84 10.96 32.78 2.66
CA VAL D 84 9.92 31.75 2.50
C VAL D 84 8.85 31.97 3.56
N ASN D 85 7.61 31.67 3.19
CA ASN D 85 6.48 31.78 4.11
C ASN D 85 6.47 30.62 5.10
N HIS D 86 5.97 30.90 6.31
CA HIS D 86 5.95 29.91 7.38
C HIS D 86 4.96 28.79 7.09
N SER D 87 5.29 27.57 7.54
CA SER D 87 4.50 26.39 7.26
C SER D 87 3.68 25.97 8.47
N THR D 88 2.41 25.64 8.21
CA THR D 88 1.57 25.05 9.26
C THR D 88 1.96 23.60 9.48
N ARG D 89 2.15 23.22 10.73
CA ARG D 89 2.63 21.90 11.09
C ARG D 89 1.52 21.14 11.81
N LYS D 90 1.23 19.91 11.33
CA LYS D 90 0.20 19.08 11.96
C LYS D 90 0.73 17.66 12.09
N GLU D 91 0.80 17.17 13.32
CA GLU D 91 1.28 15.83 13.62
C GLU D 91 0.20 15.04 14.36
N GLU D 92 -0.12 13.86 13.84
CA GLU D 92 -1.08 12.98 14.49
C GLU D 92 -0.76 11.54 14.12
N LYS D 93 -1.06 10.63 15.04
CA LYS D 93 -0.87 9.20 14.85
C LYS D 93 -1.94 8.64 13.91
N GLN D 94 -1.74 7.38 13.49
CA GLN D 94 -2.62 6.77 12.50
C GLN D 94 -3.12 5.45 13.04
N ARG D 95 -4.08 4.86 12.31
CA ARG D 95 -4.82 3.71 12.84
C ARG D 95 -3.95 2.47 13.04
N ASN D 96 -3.20 2.08 12.04
CA ASN D 96 -2.44 0.84 12.21
C ASN D 96 -1.21 1.01 13.10
N GLY D 97 -1.04 2.17 13.73
CA GLY D 97 0.04 2.44 14.67
C GLY D 97 1.29 3.11 14.12
N THR D 98 1.45 3.22 12.81
CA THR D 98 2.59 3.97 12.28
C THR D 98 2.29 5.46 12.30
N LEU D 99 3.34 6.26 12.53
CA LEU D 99 3.20 7.70 12.72
C LEU D 99 3.40 8.46 11.41
N THR D 100 2.57 9.48 11.22
CA THR D 100 2.66 10.39 10.08
C THR D 100 2.62 11.83 10.55
N VAL D 101 3.59 12.64 10.12
CA VAL D 101 3.64 14.05 10.43
C VAL D 101 3.64 14.82 9.12
N THR D 102 2.81 15.87 9.04
CA THR D 102 2.63 16.62 7.81
C THR D 102 2.85 18.11 8.07
N SER D 103 3.35 18.80 7.05
CA SER D 103 3.55 20.24 7.10
C SER D 103 3.14 20.85 5.76
N THR D 104 2.26 21.85 5.82
CA THR D 104 1.71 22.49 4.63
C THR D 104 2.20 23.93 4.54
N LEU D 105 2.76 24.31 3.40
CA LEU D 105 3.33 25.64 3.21
C LEU D 105 2.55 26.45 2.18
N PRO D 106 2.06 27.64 2.53
CA PRO D 106 1.41 28.49 1.51
C PRO D 106 2.43 29.08 0.56
N VAL D 107 2.08 29.08 -0.73
CA VAL D 107 2.97 29.46 -1.81
C VAL D 107 2.35 30.57 -2.63
N GLY D 108 3.19 31.40 -3.24
CA GLY D 108 2.69 32.36 -4.21
C GLY D 108 2.31 31.67 -5.51
N THR D 109 1.18 32.10 -6.10
CA THR D 109 0.68 31.48 -7.33
C THR D 109 1.66 31.67 -8.48
N ARG D 110 2.12 32.91 -8.70
CA ARG D 110 3.11 33.16 -9.73
C ARG D 110 4.44 32.50 -9.39
N ASP D 111 4.80 32.46 -8.11
CA ASP D 111 6.02 31.76 -7.72
C ASP D 111 6.01 30.31 -8.22
N TRP D 112 4.83 29.67 -8.18
CA TRP D 112 4.75 28.29 -8.64
C TRP D 112 4.67 28.19 -10.16
N ILE D 113 3.89 29.06 -10.81
CA ILE D 113 3.78 28.97 -12.26
C ILE D 113 5.11 29.30 -12.94
N GLU D 114 5.87 30.22 -12.38
CA GLU D 114 7.20 30.52 -12.91
C GLU D 114 8.14 29.32 -12.81
N GLY D 115 7.91 28.45 -11.84
CA GLY D 115 8.69 27.24 -11.70
C GLY D 115 9.65 27.17 -10.51
N GLU D 116 9.48 28.02 -9.50
CA GLU D 116 10.36 27.97 -8.34
C GLU D 116 10.33 26.58 -7.72
N THR D 117 11.50 26.03 -7.42
CA THR D 117 11.58 24.69 -6.87
C THR D 117 11.63 24.79 -5.36
N TYR D 118 10.81 23.96 -4.70
CA TYR D 118 10.66 23.98 -3.25
C TYR D 118 11.29 22.73 -2.65
N GLN D 119 11.88 22.91 -1.46
CA GLN D 119 12.61 21.85 -0.78
C GLN D 119 12.00 21.65 0.60
N CYS D 120 11.55 20.43 0.87
CA CYS D 120 11.09 20.02 2.18
C CYS D 120 12.17 19.16 2.80
N ARG D 121 12.66 19.57 3.97
CA ARG D 121 13.72 18.88 4.68
C ARG D 121 13.12 18.21 5.91
N VAL D 122 13.32 16.91 6.04
CA VAL D 122 12.89 16.14 7.20
C VAL D 122 14.14 15.60 7.89
N THR D 123 14.24 15.84 9.19
CA THR D 123 15.32 15.28 9.98
C THR D 123 14.72 14.53 11.17
N HIS D 124 15.20 13.31 11.37
CA HIS D 124 14.73 12.38 12.38
C HIS D 124 15.99 11.74 12.95
N PRO D 125 16.15 11.73 14.28
CA PRO D 125 17.34 11.09 14.87
C PRO D 125 17.54 9.65 14.44
N HIS D 126 16.46 8.96 14.04
CA HIS D 126 16.61 7.57 13.59
C HIS D 126 17.40 7.49 12.30
N LEU D 127 17.24 8.50 11.41
CA LEU D 127 17.95 8.51 10.14
C LEU D 127 19.38 8.98 10.32
N PRO D 128 20.35 8.38 9.62
CA PRO D 128 21.75 8.78 9.80
C PRO D 128 22.05 10.17 9.25
N ARG D 129 21.56 10.48 8.05
CA ARG D 129 21.75 11.79 7.43
C ARG D 129 20.39 12.40 7.14
N ALA D 130 20.36 13.72 7.01
CA ALA D 130 19.10 14.42 6.79
C ALA D 130 18.46 13.93 5.50
N LEU D 131 17.14 14.00 5.42
CA LEU D 131 16.45 13.59 4.21
C LEU D 131 15.75 14.81 3.60
N MET D 132 15.74 14.90 2.27
CA MET D 132 15.13 16.04 1.58
C MET D 132 14.37 15.57 0.36
N ARG D 133 13.29 16.29 0.06
CA ARG D 133 12.51 16.04 -1.15
C ARG D 133 12.22 17.37 -1.83
N SER D 134 12.24 17.35 -3.16
CA SER D 134 12.09 18.56 -3.95
C SER D 134 10.98 18.38 -4.98
N THR D 135 10.31 19.49 -5.29
CA THR D 135 9.24 19.51 -6.27
C THR D 135 9.23 20.87 -6.97
N THR D 136 8.66 20.89 -8.17
CA THR D 136 8.47 22.13 -8.93
C THR D 136 7.53 21.83 -10.10
N LYS D 137 7.15 22.90 -10.78
CA LYS D 137 6.28 22.78 -11.95
C LYS D 137 6.85 21.78 -12.95
N THR D 138 5.95 21.04 -13.59
CA THR D 138 6.32 20.09 -14.63
C THR D 138 6.35 20.82 -15.98
N SER D 139 7.30 20.43 -16.82
CA SER D 139 7.49 21.08 -18.12
C SER D 139 7.08 20.18 -19.27
N GLY D 140 6.34 19.11 -19.01
CA GLY D 140 5.91 18.19 -20.04
C GLY D 140 4.82 18.76 -20.93
N PRO D 141 4.47 18.03 -21.99
CA PRO D 141 3.41 18.47 -22.88
C PRO D 141 2.08 18.63 -22.15
N ARG D 142 1.30 19.62 -22.59
CA ARG D 142 0.03 19.96 -21.99
C ARG D 142 -1.11 19.65 -22.94
N ALA D 143 -2.13 18.95 -22.44
CA ALA D 143 -3.31 18.60 -23.21
C ALA D 143 -4.54 19.18 -22.53
N ALA D 144 -5.38 19.84 -23.31
CA ALA D 144 -6.56 20.47 -22.73
C ALA D 144 -7.55 19.40 -22.26
N PRO D 145 -8.18 19.58 -21.11
CA PRO D 145 -9.14 18.59 -20.61
C PRO D 145 -10.44 18.66 -21.39
N GLU D 146 -10.95 17.48 -21.74
CA GLU D 146 -12.24 17.34 -22.40
C GLU D 146 -13.28 16.96 -21.35
N VAL D 147 -14.35 17.74 -21.26
CA VAL D 147 -15.34 17.63 -20.19
C VAL D 147 -16.61 17.00 -20.75
N TYR D 148 -17.15 16.01 -20.04
CA TYR D 148 -18.39 15.34 -20.40
C TYR D 148 -19.29 15.35 -19.19
N ALA D 149 -20.46 15.97 -19.32
CA ALA D 149 -21.47 15.95 -18.27
C ALA D 149 -22.63 15.11 -18.78
N PHE D 150 -22.98 14.07 -18.02
CA PHE D 150 -24.07 13.18 -18.39
C PHE D 150 -25.03 13.01 -17.24
N ALA D 151 -26.32 12.87 -17.58
CA ALA D 151 -27.39 12.70 -16.61
C ALA D 151 -28.15 11.42 -16.91
N THR D 152 -28.60 10.75 -15.86
CA THR D 152 -29.31 9.50 -16.12
C THR D 152 -30.81 9.75 -16.23
N PRO D 153 -31.48 9.09 -17.17
CA PRO D 153 -32.94 9.21 -17.25
C PRO D 153 -33.60 8.75 -15.97
N GLU D 154 -34.81 9.24 -15.73
CA GLU D 154 -35.54 8.80 -14.56
C GLU D 154 -35.88 7.32 -14.73
N TRP D 155 -35.29 6.49 -13.90
CA TRP D 155 -35.40 5.04 -13.95
C TRP D 155 -36.06 4.51 -12.67
N PRO D 156 -36.58 3.27 -12.69
CA PRO D 156 -37.45 2.83 -11.58
C PRO D 156 -36.75 2.75 -10.24
N GLY D 157 -37.50 3.08 -9.18
CA GLY D 157 -37.10 2.87 -7.81
C GLY D 157 -36.37 4.01 -7.12
N SER D 158 -36.02 5.08 -7.83
CA SER D 158 -35.29 6.17 -7.22
C SER D 158 -35.77 7.53 -7.70
N ARG D 159 -37.04 7.84 -7.41
CA ARG D 159 -37.59 9.15 -7.80
C ARG D 159 -36.94 10.28 -7.01
N ASP D 160 -36.56 10.03 -5.75
CA ASP D 160 -36.05 11.10 -4.90
C ASP D 160 -34.58 11.42 -5.21
N LYS D 161 -33.77 10.40 -5.45
CA LYS D 161 -32.34 10.56 -5.69
C LYS D 161 -32.03 10.33 -7.15
N ARG D 162 -31.23 11.23 -7.74
CA ARG D 162 -30.78 11.06 -9.11
C ARG D 162 -29.27 11.14 -9.14
N THR D 163 -28.67 10.61 -10.21
CA THR D 163 -27.22 10.54 -10.33
C THR D 163 -26.73 11.28 -11.57
N LEU D 164 -25.64 12.04 -11.39
CA LEU D 164 -24.97 12.74 -12.47
C LEU D 164 -23.53 12.25 -12.55
N ALA D 165 -23.04 12.06 -13.78
CA ALA D 165 -21.69 11.57 -14.00
C ALA D 165 -20.88 12.57 -14.81
N CYS D 166 -19.58 12.62 -14.55
CA CYS D 166 -18.70 13.50 -15.29
C CYS D 166 -17.44 12.74 -15.68
N LEU D 167 -17.05 12.88 -16.94
CA LEU D 167 -15.88 12.23 -17.51
C LEU D 167 -14.94 13.29 -18.08
N ILE D 168 -13.72 13.35 -17.56
CA ILE D 168 -12.69 14.25 -18.06
C ILE D 168 -11.62 13.42 -18.75
N GLN D 169 -11.31 13.79 -20.00
CA GLN D 169 -10.52 12.93 -20.87
C GLN D 169 -9.40 13.74 -21.54
N ASN D 170 -8.30 13.06 -21.83
CA ASN D 170 -7.17 13.61 -22.61
C ASN D 170 -6.61 14.91 -22.02
N PHE D 171 -6.13 14.84 -20.79
CA PHE D 171 -5.48 15.99 -20.17
C PHE D 171 -4.11 15.59 -19.65
N MET D 172 -3.14 16.49 -19.79
CA MET D 172 -1.78 16.33 -19.31
C MET D 172 -1.28 17.67 -18.79
N PRO D 173 -0.50 17.69 -17.70
CA PRO D 173 -0.08 16.54 -16.87
C PRO D 173 -1.19 15.97 -15.99
N GLU D 174 -0.81 15.13 -15.02
CA GLU D 174 -1.80 14.43 -14.21
C GLU D 174 -2.44 15.33 -13.15
N ASP D 175 -1.99 16.57 -13.02
CA ASP D 175 -2.61 17.48 -12.06
C ASP D 175 -3.95 17.96 -12.59
N ILE D 176 -4.96 17.84 -11.76
CA ILE D 176 -6.32 18.21 -12.14
C ILE D 176 -7.16 18.32 -10.88
N SER D 177 -8.16 19.19 -10.91
CA SER D 177 -9.13 19.21 -9.82
C SER D 177 -10.51 19.37 -10.44
N VAL D 178 -11.48 18.63 -9.93
CA VAL D 178 -12.80 18.61 -10.54
C VAL D 178 -13.82 19.03 -9.50
N GLN D 179 -14.89 19.71 -9.94
CA GLN D 179 -15.92 20.05 -8.99
C GLN D 179 -17.27 20.21 -9.69
N TRP D 180 -18.30 20.13 -8.86
CA TRP D 180 -19.70 20.33 -9.24
C TRP D 180 -20.22 21.54 -8.50
N LEU D 181 -20.89 22.44 -9.20
CA LEU D 181 -21.52 23.60 -8.58
C LEU D 181 -23.01 23.57 -8.84
N HIS D 182 -23.79 23.71 -7.79
CA HIS D 182 -25.25 23.74 -7.82
C HIS D 182 -25.71 25.12 -7.41
N ASN D 183 -26.34 25.84 -8.35
CA ASN D 183 -26.83 27.19 -8.09
C ASN D 183 -25.69 28.14 -7.71
N GLU D 184 -24.61 28.07 -8.49
CA GLU D 184 -23.42 28.92 -8.30
C GLU D 184 -22.91 28.86 -6.86
N VAL D 185 -22.73 27.63 -6.35
CA VAL D 185 -22.21 27.41 -5.01
C VAL D 185 -21.21 26.25 -5.05
N GLN D 186 -20.21 26.32 -4.17
CA GLN D 186 -19.20 25.26 -4.07
C GLN D 186 -19.75 24.17 -3.16
N LEU D 187 -20.05 23.01 -3.75
CA LEU D 187 -20.53 21.90 -2.94
C LEU D 187 -19.37 21.22 -2.21
N PRO D 188 -19.63 20.71 -1.01
CA PRO D 188 -18.55 20.10 -0.22
C PRO D 188 -17.88 18.96 -0.97
N ASP D 189 -16.58 18.79 -0.69
CA ASP D 189 -15.80 17.72 -1.31
C ASP D 189 -16.46 16.36 -1.12
N ALA D 190 -17.02 16.11 0.07
CA ALA D 190 -17.64 14.81 0.35
C ALA D 190 -18.80 14.49 -0.58
N ARG D 191 -19.49 15.52 -1.09
CA ARG D 191 -20.75 15.29 -1.80
C ARG D 191 -20.56 14.46 -3.07
N HIS D 192 -19.52 14.73 -3.84
CA HIS D 192 -19.26 14.05 -5.10
C HIS D 192 -18.04 13.15 -4.99
N SER D 193 -18.19 11.89 -5.38
CA SER D 193 -17.08 10.95 -5.38
C SER D 193 -16.29 11.06 -6.68
N THR D 194 -14.97 11.17 -6.58
CA THR D 194 -14.12 11.29 -7.76
C THR D 194 -13.11 10.16 -7.79
N THR D 195 -12.44 10.03 -8.93
CA THR D 195 -11.46 8.98 -9.16
C THR D 195 -10.09 9.61 -9.39
N GLN D 196 -9.06 9.02 -8.79
CA GLN D 196 -7.71 9.47 -9.05
C GLN D 196 -7.39 9.24 -10.52
N PRO D 197 -6.59 10.12 -11.12
CA PRO D 197 -6.35 10.01 -12.57
C PRO D 197 -5.67 8.70 -12.94
N ARG D 198 -6.11 8.14 -14.07
CA ARG D 198 -5.51 6.95 -14.64
C ARG D 198 -5.25 7.19 -16.11
N LYS D 199 -4.15 6.63 -16.61
CA LYS D 199 -3.75 6.87 -17.99
C LYS D 199 -4.75 6.24 -18.94
N THR D 200 -5.13 6.98 -19.97
CA THR D 200 -6.08 6.46 -20.94
C THR D 200 -5.47 5.35 -21.78
N LYS D 201 -6.34 4.59 -22.45
CA LYS D 201 -5.87 3.59 -23.40
C LYS D 201 -5.08 4.25 -24.51
N GLY D 202 -5.50 5.44 -24.94
CA GLY D 202 -4.80 6.23 -25.92
C GLY D 202 -3.86 7.24 -25.31
N SER D 203 -4.21 8.51 -25.44
CA SER D 203 -3.37 9.64 -25.02
C SER D 203 -4.07 10.45 -23.94
N GLY D 204 -3.41 10.61 -22.80
CA GLY D 204 -3.96 11.42 -21.75
C GLY D 204 -4.40 10.57 -20.56
N PHE D 205 -5.12 11.22 -19.66
CA PHE D 205 -5.70 10.59 -18.49
C PHE D 205 -7.19 10.86 -18.47
N PHE D 206 -7.92 10.03 -17.72
CA PHE D 206 -9.36 10.19 -17.59
C PHE D 206 -9.77 10.09 -16.13
N VAL D 207 -10.73 10.91 -15.75
CA VAL D 207 -11.25 10.95 -14.38
C VAL D 207 -12.76 10.87 -14.46
N PHE D 208 -13.34 9.97 -13.69
CA PHE D 208 -14.79 9.84 -13.57
C PHE D 208 -15.22 10.34 -12.19
N SER D 209 -16.34 11.04 -12.15
CA SER D 209 -16.90 11.50 -10.88
C SER D 209 -18.41 11.28 -10.89
N ARG D 210 -18.92 10.90 -9.72
CA ARG D 210 -20.32 10.55 -9.51
C ARG D 210 -20.90 11.48 -8.44
N LEU D 211 -22.05 12.07 -8.76
CA LEU D 211 -22.74 12.96 -7.83
C LEU D 211 -24.16 12.46 -7.66
N GLU D 212 -24.67 12.53 -6.42
CA GLU D 212 -26.06 12.18 -6.12
C GLU D 212 -26.82 13.42 -5.72
N VAL D 213 -27.82 13.79 -6.51
CA VAL D 213 -28.65 14.95 -6.26
C VAL D 213 -29.94 14.49 -5.60
N THR D 214 -30.36 15.21 -4.55
CA THR D 214 -31.63 15.01 -3.89
C THR D 214 -32.74 15.64 -4.72
N ARG D 215 -33.99 15.23 -4.45
CA ARG D 215 -35.13 15.82 -5.14
C ARG D 215 -35.16 17.33 -4.97
N ALA D 216 -34.91 17.80 -3.74
CA ALA D 216 -34.99 19.24 -3.47
C ALA D 216 -33.93 20.03 -4.22
N GLU D 217 -32.80 19.41 -4.57
CA GLU D 217 -31.74 20.14 -5.27
C GLU D 217 -32.16 20.52 -6.69
N TRP D 218 -32.61 19.56 -7.49
CA TRP D 218 -33.11 19.89 -8.81
C TRP D 218 -34.49 20.52 -8.75
N GLU D 219 -35.20 20.37 -7.63
CA GLU D 219 -36.43 21.12 -7.40
C GLU D 219 -36.15 22.61 -7.26
N GLN D 220 -35.02 22.97 -6.66
CA GLN D 220 -34.64 24.37 -6.53
C GLN D 220 -34.11 24.93 -7.85
N LYS D 221 -33.16 24.22 -8.48
CA LYS D 221 -32.58 24.64 -9.74
C LYS D 221 -32.16 23.41 -10.52
N ASP D 222 -32.31 23.50 -11.84
CA ASP D 222 -32.16 22.37 -12.73
C ASP D 222 -30.84 22.37 -13.49
N GLU D 223 -30.04 23.42 -13.36
CA GLU D 223 -28.79 23.49 -14.11
C GLU D 223 -27.65 22.99 -13.22
N PHE D 224 -26.96 21.95 -13.69
CA PHE D 224 -25.80 21.38 -13.00
C PHE D 224 -24.66 21.40 -13.99
N ILE D 225 -23.54 22.01 -13.62
CA ILE D 225 -22.40 22.17 -14.52
C ILE D 225 -21.19 21.52 -13.87
N CYS D 226 -20.53 20.62 -14.61
CA CYS D 226 -19.32 19.97 -14.15
C CYS D 226 -18.13 20.73 -14.72
N ARG D 227 -17.25 21.24 -13.84
CA ARG D 227 -16.10 21.97 -14.34
C ARG D 227 -14.81 21.41 -13.75
N ALA D 228 -13.81 21.29 -14.62
CA ALA D 228 -12.49 20.81 -14.27
C ALA D 228 -11.48 21.93 -14.46
N VAL D 229 -10.63 22.12 -13.45
CA VAL D 229 -9.54 23.07 -13.49
C VAL D 229 -8.24 22.30 -13.70
N HIS D 230 -7.43 22.80 -14.62
CA HIS D 230 -6.21 22.14 -15.04
C HIS D 230 -5.24 23.18 -15.57
N GLU D 231 -3.95 22.92 -15.39
CA GLU D 231 -2.93 23.87 -15.84
C GLU D 231 -2.96 24.04 -17.35
N ALA D 232 -3.15 22.94 -18.08
CA ALA D 232 -3.20 23.01 -19.54
C ALA D 232 -4.46 23.72 -20.02
N ALA D 233 -5.52 23.68 -19.22
CA ALA D 233 -6.78 24.30 -19.59
C ALA D 233 -6.64 25.80 -19.78
N SER D 234 -7.45 26.34 -20.68
CA SER D 234 -7.54 27.76 -20.95
C SER D 234 -8.97 28.05 -21.39
N PRO D 235 -9.41 29.31 -21.39
CA PRO D 235 -8.77 30.62 -21.10
C PRO D 235 -8.26 30.81 -19.66
N SER D 236 -9.08 30.47 -18.66
CA SER D 236 -8.75 30.69 -17.26
C SER D 236 -8.58 29.38 -16.50
N GLN D 237 -7.91 28.41 -17.15
CA GLN D 237 -7.65 27.10 -16.56
C GLN D 237 -8.95 26.43 -16.12
N THR D 238 -10.01 26.70 -16.86
CA THR D 238 -11.32 26.15 -16.55
C THR D 238 -11.90 25.56 -17.82
N VAL D 239 -12.42 24.33 -17.71
CA VAL D 239 -13.23 23.74 -18.76
C VAL D 239 -14.48 23.21 -18.11
N GLN D 240 -15.63 23.59 -18.62
CA GLN D 240 -16.89 23.22 -17.99
C GLN D 240 -17.89 22.79 -19.04
N ARG D 241 -18.74 21.85 -18.66
CA ARG D 241 -19.89 21.53 -19.50
C ARG D 241 -21.10 21.34 -18.61
N ALA D 242 -22.22 21.90 -19.05
CA ALA D 242 -23.49 21.73 -18.39
C ALA D 242 -24.50 21.14 -19.38
N VAL D 243 -25.37 20.29 -18.86
CA VAL D 243 -26.53 19.79 -19.58
C VAL D 243 -27.64 19.66 -18.55
N SER D 244 -28.87 19.92 -18.99
CA SER D 244 -30.01 19.82 -18.08
C SER D 244 -30.34 18.36 -17.79
N VAL D 245 -31.07 18.15 -16.70
CA VAL D 245 -31.37 16.79 -16.25
C VAL D 245 -32.09 16.01 -17.34
N ASN D 246 -32.87 16.70 -18.18
CA ASN D 246 -33.50 16.05 -19.31
C ASN D 246 -33.08 16.75 -20.59
N PRO D 247 -32.67 16.00 -21.62
CA PRO D 247 -32.17 16.54 -22.89
C PRO D 247 -33.30 16.84 -23.87
#